data_8C0U
#
_entry.id   8C0U
#
_cell.length_a   90.583
_cell.length_b   90.583
_cell.length_c   174.478
_cell.angle_alpha   90.000
_cell.angle_beta   90.000
_cell.angle_gamma   120.000
#
_symmetry.space_group_name_H-M   'P 63'
#
loop_
_entity.id
_entity.type
_entity.pdbx_description
1 polymer 'Anhydro-N-acetylmuramic acid kinase'
2 non-polymer "ADENOSINE-5'-DIPHOSPHATE"
3 non-polymer '2-(2-ACETYLAMINO-4-HYDROXY-6,8-DIOXA-BICYCLO[3.2.1]OCT-3-YLOXY)-PROPIONIC ACID'
4 non-polymer '(2~{R})-2-[(2~{S},3~{R},4~{R},5~{S},6~{R})-3-acetamido-2,5-bis(oxidanyl)-6-(phosphonooxymethyl)oxan-4-yl]oxypropanoic acid'
5 water water
#
_entity_poly.entity_id   1
_entity_poly.type   'polypeptide(L)'
_entity_poly.pdbx_seq_one_letter_code
;GAGAGMPRYLGLMSGTSLDGMDIVLIEQGDRTTLLASHYLPMPAGLREDILALCVPGPDEIARAAEVEQRWVALAAQGVR
ELLLQQQMSPDEVRAIGSHGQTIRHEPARHFTVQIGNPALLAELTGIDVVADFRRRDVAAGGQGAPLVPAFHQALFGDDD
TSRAVLNIGGFSNVSLLSPGKPVRGFDCGPGNVLMDAWIHHQRGEHFDRDGAWAASGQVNHALLASLLADEFFAARGPKS
TGRERFNLPWLQEHLARHPALPAADIQATLLELSARSISESLLDAQPDCEEVLVCGGGAFNTALMKRLAMLMPEARVAST
DEYGIPPAWMEGMAFAWLAHRFLERLPGNCPDVTGALGPRTLGALYPA
;
_entity_poly.pdbx_strand_id   A,B
#
# COMPACT_ATOMS: atom_id res chain seq x y z
N MET A 6 -4.13 28.69 11.74
CA MET A 6 -2.72 28.32 12.01
C MET A 6 -2.61 26.81 12.31
N PRO A 7 -3.21 25.90 11.49
CA PRO A 7 -3.03 24.47 11.71
C PRO A 7 -1.55 24.10 11.60
N ARG A 8 -1.12 23.16 12.45
CA ARG A 8 0.26 22.72 12.47
C ARG A 8 0.34 21.34 11.82
N TYR A 9 1.41 21.12 11.04
CA TYR A 9 1.61 19.88 10.32
C TYR A 9 3.03 19.38 10.54
N LEU A 10 3.16 18.05 10.54
CA LEU A 10 4.45 17.39 10.47
C LEU A 10 4.69 16.93 9.03
N GLY A 11 5.94 17.01 8.60
CA GLY A 11 6.37 16.45 7.33
C GLY A 11 7.48 15.43 7.55
N LEU A 12 7.30 14.23 6.97
CA LEU A 12 8.28 13.15 7.06
C LEU A 12 8.77 12.80 5.66
N MET A 13 10.05 13.06 5.40
CA MET A 13 10.67 12.72 4.13
C MET A 13 11.87 11.81 4.40
N SER A 14 12.04 10.82 3.52
CA SER A 14 13.22 9.96 3.52
C SER A 14 13.59 9.64 2.09
N GLY A 15 14.63 10.34 1.58
CA GLY A 15 14.96 10.33 0.16
C GLY A 15 15.80 9.11 -0.25
N THR A 16 16.17 9.09 -1.54
CA THR A 16 16.83 7.94 -2.14
C THR A 16 18.32 7.92 -1.79
N SER A 17 18.83 9.00 -1.18
CA SER A 17 20.20 9.00 -0.68
C SER A 17 20.34 8.06 0.51
N LEU A 18 19.23 7.85 1.24
CA LEU A 18 19.18 6.96 2.39
C LEU A 18 20.14 7.43 3.48
N ASP A 19 20.41 8.74 3.50
CA ASP A 19 21.24 9.36 4.53
C ASP A 19 20.52 9.33 5.87
N GLY A 20 19.21 9.63 5.86
CA GLY A 20 18.40 9.62 7.07
C GLY A 20 16.98 10.11 6.83
N MET A 21 16.23 10.26 7.94
CA MET A 21 14.86 10.72 7.89
C MET A 21 14.79 12.19 8.32
N ASP A 22 14.08 12.98 7.51
CA ASP A 22 13.81 14.38 7.83
C ASP A 22 12.41 14.48 8.41
N ILE A 23 12.30 15.08 9.60
CA ILE A 23 11.01 15.40 10.18
C ILE A 23 10.98 16.90 10.44
N VAL A 24 9.93 17.57 9.94
CA VAL A 24 9.75 18.99 10.13
C VAL A 24 8.39 19.22 10.77
N LEU A 25 8.27 20.33 11.49
CA LEU A 25 6.98 20.85 11.94
C LEU A 25 6.77 22.21 11.30
N ILE A 26 5.58 22.42 10.71
CA ILE A 26 5.25 23.69 10.07
C ILE A 26 3.94 24.23 10.64
N GLU A 27 3.81 25.56 10.58
CA GLU A 27 2.55 26.25 10.80
C GLU A 27 2.06 26.79 9.46
N GLN A 28 0.87 26.36 9.05
CA GLN A 28 0.30 26.72 7.76
C GLN A 28 -0.82 27.73 7.98
N GLY A 29 -0.45 29.02 7.99
CA GLY A 29 -1.41 30.10 8.05
C GLY A 29 -1.60 30.74 6.68
N ASP A 30 -1.25 32.03 6.58
CA ASP A 30 -1.21 32.73 5.31
C ASP A 30 0.07 32.35 4.56
N ARG A 31 1.09 31.90 5.31
CA ARG A 31 2.35 31.44 4.74
C ARG A 31 2.84 30.23 5.52
N THR A 32 3.71 29.43 4.88
CA THR A 32 4.34 28.28 5.49
C THR A 32 5.52 28.70 6.35
N THR A 33 5.41 28.48 7.66
CA THR A 33 6.46 28.76 8.61
C THR A 33 7.07 27.44 9.09
N LEU A 34 8.41 27.41 9.19
CA LEU A 34 9.12 26.28 9.77
C LEU A 34 9.27 26.53 11.27
N LEU A 35 8.69 25.64 12.08
CA LEU A 35 8.72 25.77 13.53
C LEU A 35 9.90 24.97 14.08
N ALA A 36 10.05 23.72 13.62
CA ALA A 36 11.12 22.86 14.09
C ALA A 36 11.51 21.82 13.03
N SER A 37 12.72 21.27 13.21
CA SER A 37 13.23 20.21 12.36
C SER A 37 13.88 19.14 13.24
N HIS A 38 13.89 17.89 12.76
CA HIS A 38 14.42 16.76 13.50
C HIS A 38 14.94 15.70 12.51
N TYR A 39 16.26 15.49 12.52
CA TYR A 39 16.93 14.58 11.60
C TYR A 39 17.22 13.25 12.31
N LEU A 40 16.81 12.14 11.68
CA LEU A 40 17.14 10.79 12.15
C LEU A 40 18.15 10.17 11.18
N PRO A 41 19.42 9.99 11.55
CA PRO A 41 20.37 9.27 10.69
C PRO A 41 19.83 7.86 10.45
N MET A 42 19.95 7.39 9.21
CA MET A 42 19.49 6.05 8.87
C MET A 42 20.40 5.04 9.55
N PRO A 43 19.86 4.08 10.33
CA PRO A 43 20.68 2.97 10.84
C PRO A 43 21.32 2.18 9.69
N ALA A 44 22.53 1.67 9.93
CA ALA A 44 23.32 0.97 8.93
C ALA A 44 22.52 -0.20 8.35
N GLY A 45 21.93 -1.01 9.23
CA GLY A 45 21.22 -2.22 8.82
C GLY A 45 20.02 -1.90 7.93
N LEU A 46 19.24 -0.89 8.33
CA LEU A 46 18.01 -0.55 7.64
C LEU A 46 18.33 0.06 6.27
N ARG A 47 19.36 0.92 6.20
CA ARG A 47 19.79 1.50 4.93
C ARG A 47 20.10 0.40 3.92
N GLU A 48 20.82 -0.64 4.35
CA GLU A 48 21.27 -1.69 3.45
C GLU A 48 20.09 -2.58 3.06
N ASP A 49 19.12 -2.76 3.97
CA ASP A 49 17.94 -3.57 3.69
C ASP A 49 17.00 -2.83 2.74
N ILE A 50 16.95 -1.49 2.82
CA ILE A 50 16.21 -0.68 1.86
C ILE A 50 16.89 -0.79 0.50
N LEU A 51 18.23 -0.69 0.46
CA LEU A 51 18.96 -0.79 -0.80
C LEU A 51 18.74 -2.16 -1.45
N ALA A 52 18.54 -3.21 -0.64
CA ALA A 52 18.34 -4.56 -1.16
C ALA A 52 16.95 -4.71 -1.78
N LEU A 53 16.03 -3.77 -1.48
CA LEU A 53 14.69 -3.80 -2.03
C LEU A 53 14.58 -2.92 -3.27
N CYS A 54 15.67 -2.19 -3.60
CA CYS A 54 15.69 -1.30 -4.74
C CYS A 54 16.06 -2.01 -6.04
N VAL A 55 16.43 -3.30 -5.95
CA VAL A 55 16.61 -4.14 -7.12
C VAL A 55 15.69 -5.35 -6.98
N PRO A 56 15.27 -5.99 -8.08
CA PRO A 56 14.51 -7.25 -8.00
C PRO A 56 15.25 -8.30 -7.21
N GLY A 57 14.51 -9.10 -6.43
CA GLY A 57 15.08 -10.10 -5.58
C GLY A 57 14.02 -11.04 -5.01
N PRO A 58 14.41 -12.06 -4.22
CA PRO A 58 13.46 -13.01 -3.64
C PRO A 58 12.66 -12.46 -2.45
N ASP A 59 11.47 -13.05 -2.25
CA ASP A 59 10.69 -12.92 -1.02
C ASP A 59 10.53 -11.44 -0.66
N GLU A 60 10.20 -10.60 -1.63
CA GLU A 60 10.22 -9.15 -1.44
C GLU A 60 9.04 -8.68 -0.59
N ILE A 61 7.88 -9.34 -0.69
CA ILE A 61 6.69 -8.90 0.00
C ILE A 61 6.86 -9.07 1.51
N ALA A 62 7.41 -10.22 1.92
CA ALA A 62 7.71 -10.46 3.33
C ALA A 62 8.82 -9.54 3.79
N ARG A 63 9.86 -9.35 2.94
CA ARG A 63 11.02 -8.57 3.33
C ARG A 63 10.63 -7.11 3.51
N ALA A 64 9.81 -6.59 2.60
CA ALA A 64 9.44 -5.18 2.62
C ALA A 64 8.53 -4.87 3.81
N ALA A 65 7.61 -5.79 4.11
CA ALA A 65 6.74 -5.64 5.27
C ALA A 65 7.58 -5.41 6.53
N GLU A 66 8.59 -6.24 6.74
CA GLU A 66 9.39 -6.21 7.95
C GLU A 66 10.32 -4.99 7.96
N VAL A 67 10.87 -4.62 6.79
CA VAL A 67 11.64 -3.38 6.68
C VAL A 67 10.73 -2.19 6.97
N GLU A 68 9.50 -2.28 6.46
CA GLU A 68 8.48 -1.25 6.64
C GLU A 68 8.24 -1.03 8.15
N GLN A 69 8.17 -2.12 8.91
CA GLN A 69 7.87 -2.05 10.34
C GLN A 69 8.96 -1.27 11.08
N ARG A 70 10.23 -1.50 10.72
CA ARG A 70 11.34 -0.83 11.37
C ARG A 70 11.42 0.64 10.94
N TRP A 71 11.10 0.92 9.67
CA TRP A 71 11.10 2.28 9.17
C TRP A 71 10.07 3.13 9.93
N VAL A 72 8.84 2.62 10.03
CA VAL A 72 7.76 3.34 10.70
C VAL A 72 8.09 3.52 12.18
N ALA A 73 8.67 2.48 12.80
CA ALA A 73 8.99 2.52 14.22
C ALA A 73 9.99 3.64 14.50
N LEU A 74 10.94 3.83 13.58
CA LEU A 74 11.93 4.88 13.69
C LEU A 74 11.29 6.24 13.47
N ALA A 75 10.42 6.34 12.47
CA ALA A 75 9.73 7.60 12.19
C ALA A 75 8.92 8.05 13.40
N ALA A 76 8.19 7.12 14.01
CA ALA A 76 7.33 7.42 15.15
C ALA A 76 8.18 7.82 16.36
N GLN A 77 9.35 7.20 16.51
CA GLN A 77 10.31 7.56 17.56
C GLN A 77 10.72 9.02 17.39
N GLY A 78 11.12 9.39 16.17
CA GLY A 78 11.57 10.75 15.88
C GLY A 78 10.47 11.78 16.08
N VAL A 79 9.23 11.43 15.73
CA VAL A 79 8.10 12.33 15.92
C VAL A 79 7.88 12.57 17.41
N ARG A 80 7.87 11.47 18.18
CA ARG A 80 7.71 11.52 19.62
C ARG A 80 8.79 12.41 20.23
N GLU A 81 10.05 12.18 19.83
CA GLU A 81 11.17 12.97 20.30
C GLU A 81 10.93 14.45 20.02
N LEU A 82 10.56 14.76 18.76
CA LEU A 82 10.46 16.15 18.34
C LEU A 82 9.33 16.84 19.10
N LEU A 83 8.20 16.17 19.29
CA LEU A 83 7.09 16.78 20.00
C LEU A 83 7.47 17.06 21.45
N LEU A 84 8.11 16.09 22.13
CA LEU A 84 8.49 16.27 23.53
C LEU A 84 9.47 17.43 23.67
N GLN A 85 10.43 17.51 22.74
CA GLN A 85 11.46 18.55 22.77
C GLN A 85 10.82 19.91 22.46
N GLN A 86 9.64 19.90 21.84
CA GLN A 86 8.93 21.13 21.48
C GLN A 86 7.83 21.44 22.47
N GLN A 87 7.70 20.63 23.54
CA GLN A 87 6.65 20.77 24.53
C GLN A 87 5.27 20.90 23.89
N MET A 88 4.95 20.08 22.89
CA MET A 88 3.59 20.02 22.38
C MET A 88 3.15 18.57 22.24
N SER A 89 1.85 18.34 22.43
CA SER A 89 1.30 16.99 22.35
C SER A 89 0.94 16.66 20.90
N PRO A 90 0.69 15.37 20.58
CA PRO A 90 0.20 14.97 19.26
C PRO A 90 -1.10 15.64 18.82
N ASP A 91 -1.95 16.00 19.80
CA ASP A 91 -3.25 16.59 19.54
C ASP A 91 -3.12 17.95 18.84
N GLU A 92 -1.97 18.61 19.01
CA GLU A 92 -1.77 19.94 18.45
C GLU A 92 -1.36 19.86 16.99
N VAL A 93 -1.07 18.65 16.50
CA VAL A 93 -0.70 18.44 15.10
C VAL A 93 -1.92 17.92 14.35
N ARG A 94 -2.31 18.62 13.28
CA ARG A 94 -3.49 18.25 12.51
C ARG A 94 -3.22 16.96 11.75
N ALA A 95 -2.05 16.85 11.12
CA ALA A 95 -1.70 15.66 10.34
C ALA A 95 -0.20 15.61 10.05
N ILE A 96 0.27 14.38 9.82
CA ILE A 96 1.60 14.09 9.30
C ILE A 96 1.49 13.89 7.79
N GLY A 97 2.34 14.58 7.03
CA GLY A 97 2.54 14.30 5.62
C GLY A 97 3.77 13.42 5.41
N SER A 98 3.54 12.16 5.01
CA SER A 98 4.61 11.19 4.88
C SER A 98 4.78 10.75 3.43
N HIS A 99 5.98 10.98 2.89
CA HIS A 99 6.34 10.52 1.57
C HIS A 99 6.50 9.00 1.55
N GLY A 100 6.96 8.43 2.67
CA GLY A 100 7.39 7.05 2.71
C GLY A 100 8.80 6.90 2.14
N GLN A 101 9.11 5.70 1.65
CA GLN A 101 10.44 5.39 1.12
C GLN A 101 10.29 4.68 -0.23
N THR A 102 10.84 5.29 -1.28
CA THR A 102 10.79 4.72 -2.61
C THR A 102 11.74 3.53 -2.68
N ILE A 103 11.21 2.35 -3.04
CA ILE A 103 12.04 1.17 -3.28
C ILE A 103 12.02 0.80 -4.76
N ARG A 104 10.99 1.24 -5.50
CA ARG A 104 10.95 1.00 -6.93
C ARG A 104 10.16 2.14 -7.58
N HIS A 105 10.72 2.70 -8.65
CA HIS A 105 10.08 3.75 -9.42
C HIS A 105 10.13 3.37 -10.89
N GLU A 106 8.98 3.03 -11.47
CA GLU A 106 8.93 2.48 -12.82
C GLU A 106 7.84 3.19 -13.62
N PRO A 107 7.99 4.51 -13.91
CA PRO A 107 6.96 5.26 -14.63
C PRO A 107 6.65 4.71 -16.02
N ALA A 108 7.66 4.10 -16.66
CA ALA A 108 7.46 3.45 -17.96
C ALA A 108 6.49 2.27 -17.81
N ARG A 109 6.54 1.60 -16.66
CA ARG A 109 5.68 0.47 -16.38
C ARG A 109 4.48 0.91 -15.54
N HIS A 110 4.33 2.21 -15.32
CA HIS A 110 3.16 2.81 -14.70
C HIS A 110 3.00 2.39 -13.24
N PHE A 111 4.10 2.30 -12.49
CA PHE A 111 4.00 2.10 -11.05
C PHE A 111 5.19 2.73 -10.34
N THR A 112 4.92 3.18 -9.12
CA THR A 112 5.94 3.67 -8.21
C THR A 112 5.62 3.11 -6.82
N VAL A 113 6.65 2.58 -6.15
CA VAL A 113 6.47 1.83 -4.92
C VAL A 113 7.13 2.58 -3.78
N GLN A 114 6.31 3.12 -2.86
CA GLN A 114 6.77 3.75 -1.63
C GLN A 114 6.29 2.92 -0.44
N ILE A 115 7.21 2.52 0.45
CA ILE A 115 6.81 1.84 1.66
C ILE A 115 6.78 2.85 2.82
N GLY A 116 6.03 2.49 3.86
CA GLY A 116 5.97 3.23 5.12
C GLY A 116 4.62 3.09 5.83
N ASN A 117 4.07 1.86 5.83
CA ASN A 117 2.81 1.49 6.45
C ASN A 117 2.20 2.67 7.23
N PRO A 118 1.47 3.58 6.53
CA PRO A 118 0.82 4.72 7.17
C PRO A 118 -0.20 4.42 8.26
N ALA A 119 -0.81 3.22 8.22
CA ALA A 119 -1.74 2.82 9.25
C ALA A 119 -1.00 2.63 10.58
N LEU A 120 0.18 2.01 10.50
CA LEU A 120 0.99 1.76 11.68
C LEU A 120 1.57 3.08 12.19
N LEU A 121 1.88 4.01 11.27
CA LEU A 121 2.44 5.30 11.64
C LEU A 121 1.40 6.12 12.42
N ALA A 122 0.14 6.03 12.00
CA ALA A 122 -0.97 6.68 12.70
C ALA A 122 -1.14 6.08 14.09
N GLU A 123 -1.14 4.75 14.16
CA GLU A 123 -1.33 4.00 15.39
C GLU A 123 -0.27 4.38 16.43
N LEU A 124 0.98 4.57 15.97
CA LEU A 124 2.10 4.77 16.88
C LEU A 124 2.20 6.24 17.29
N THR A 125 1.84 7.17 16.39
CA THR A 125 2.00 8.59 16.66
C THR A 125 0.74 9.16 17.33
N GLY A 126 -0.42 8.57 17.03
CA GLY A 126 -1.70 9.12 17.45
C GLY A 126 -2.11 10.34 16.64
N ILE A 127 -1.57 10.46 15.43
CA ILE A 127 -1.80 11.61 14.55
C ILE A 127 -2.25 11.09 13.18
N ASP A 128 -3.20 11.80 12.56
CA ASP A 128 -3.69 11.47 11.24
C ASP A 128 -2.53 11.58 10.24
N VAL A 129 -2.41 10.59 9.35
CA VAL A 129 -1.35 10.57 8.36
C VAL A 129 -1.95 10.64 6.95
N VAL A 130 -1.41 11.58 6.15
CA VAL A 130 -1.63 11.64 4.71
C VAL A 130 -0.37 11.13 4.04
N ALA A 131 -0.53 10.12 3.18
CA ALA A 131 0.61 9.41 2.60
C ALA A 131 0.27 8.94 1.18
N ASP A 132 1.24 8.30 0.53
CA ASP A 132 1.06 7.68 -0.77
C ASP A 132 0.57 8.73 -1.77
N PHE A 133 1.36 9.80 -1.91
CA PHE A 133 0.98 10.96 -2.72
C PHE A 133 1.22 10.71 -4.22
N ARG A 134 2.09 9.75 -4.56
CA ARG A 134 2.62 9.65 -5.91
C ARG A 134 1.72 8.81 -6.81
N ARG A 135 0.94 7.89 -6.23
CA ARG A 135 0.29 6.84 -7.02
C ARG A 135 -0.94 7.37 -7.78
N ARG A 136 -1.60 8.41 -7.27
CA ARG A 136 -2.74 8.99 -7.99
C ARG A 136 -2.26 9.71 -9.24
N ASP A 137 -1.12 10.40 -9.14
CA ASP A 137 -0.51 11.07 -10.27
C ASP A 137 -0.11 10.05 -11.33
N VAL A 138 0.52 8.95 -10.90
CA VAL A 138 0.89 7.86 -11.80
C VAL A 138 -0.37 7.28 -12.43
N ALA A 139 -1.41 7.07 -11.61
CA ALA A 139 -2.68 6.57 -12.07
C ALA A 139 -3.30 7.49 -13.13
N ALA A 140 -2.98 8.79 -13.06
CA ALA A 140 -3.47 9.77 -14.01
C ALA A 140 -2.53 9.91 -15.21
N GLY A 141 -1.68 8.90 -15.42
CA GLY A 141 -0.80 8.87 -16.58
C GLY A 141 0.51 9.63 -16.38
N GLY A 142 0.69 10.25 -15.20
CA GLY A 142 1.85 11.09 -14.94
C GLY A 142 3.07 10.26 -14.53
N GLN A 143 4.19 10.96 -14.32
CA GLN A 143 5.46 10.35 -13.95
C GLN A 143 5.50 10.07 -12.44
N GLY A 144 4.68 10.80 -11.66
CA GLY A 144 4.62 10.62 -10.23
C GLY A 144 5.72 11.41 -9.50
N ALA A 145 6.52 12.15 -10.26
CA ALA A 145 7.68 12.84 -9.73
C ALA A 145 8.16 13.90 -10.72
N PRO A 146 8.67 15.06 -10.26
CA PRO A 146 8.68 15.44 -8.84
C PRO A 146 7.33 16.01 -8.40
N LEU A 147 7.13 16.10 -7.08
CA LEU A 147 5.87 16.58 -6.52
C LEU A 147 6.04 17.89 -5.74
N VAL A 148 7.28 18.38 -5.59
CA VAL A 148 7.54 19.61 -4.84
C VAL A 148 7.19 20.86 -5.66
N PRO A 149 7.24 20.88 -7.01
CA PRO A 149 7.06 22.12 -7.77
C PRO A 149 5.90 23.01 -7.33
N ALA A 150 4.75 22.38 -7.03
CA ALA A 150 3.60 23.11 -6.52
C ALA A 150 4.00 23.90 -5.27
N PHE A 151 4.76 23.26 -4.38
CA PHE A 151 5.20 23.89 -3.14
C PHE A 151 6.19 25.01 -3.45
N HIS A 152 7.15 24.72 -4.33
CA HIS A 152 8.12 25.70 -4.77
C HIS A 152 7.41 26.93 -5.34
N GLN A 153 6.32 26.69 -6.09
CA GLN A 153 5.51 27.75 -6.65
C GLN A 153 4.94 28.62 -5.53
N ALA A 154 4.38 27.98 -4.50
CA ALA A 154 3.69 28.67 -3.43
C ALA A 154 4.68 29.51 -2.61
N LEU A 155 5.91 29.02 -2.47
CA LEU A 155 6.92 29.68 -1.69
C LEU A 155 7.53 30.84 -2.47
N PHE A 156 8.00 30.55 -3.71
CA PHE A 156 8.90 31.44 -4.41
C PHE A 156 8.30 31.92 -5.73
N GLY A 157 7.00 31.70 -5.94
CA GLY A 157 6.32 32.26 -7.11
C GLY A 157 6.49 33.78 -7.17
N ASP A 158 7.18 34.25 -8.22
CA ASP A 158 7.51 35.66 -8.37
C ASP A 158 7.31 36.07 -9.83
N ASP A 159 6.58 37.18 -10.03
CA ASP A 159 6.23 37.65 -11.36
C ASP A 159 7.41 38.40 -11.98
N ASP A 160 8.22 39.05 -11.13
CA ASP A 160 9.24 39.97 -11.59
C ASP A 160 10.49 39.21 -12.02
N THR A 161 10.67 37.97 -11.55
CA THR A 161 11.86 37.19 -11.81
C THR A 161 11.47 35.83 -12.40
N SER A 162 12.37 35.27 -13.22
CA SER A 162 12.25 33.89 -13.67
C SER A 162 13.20 33.01 -12.85
N ARG A 163 12.64 32.37 -11.80
CA ARG A 163 13.41 31.58 -10.86
C ARG A 163 13.35 30.10 -11.23
N ALA A 164 14.44 29.40 -10.94
CA ALA A 164 14.47 27.94 -10.97
C ALA A 164 14.84 27.44 -9.58
N VAL A 165 13.94 26.67 -8.96
CA VAL A 165 14.19 26.05 -7.67
C VAL A 165 14.75 24.66 -7.94
N LEU A 166 15.92 24.37 -7.37
CA LEU A 166 16.70 23.19 -7.73
C LEU A 166 16.98 22.36 -6.48
N ASN A 167 16.43 21.13 -6.44
CA ASN A 167 16.74 20.16 -5.41
C ASN A 167 17.91 19.29 -5.86
N ILE A 168 18.90 19.15 -4.99
CA ILE A 168 20.01 18.25 -5.26
C ILE A 168 20.13 17.29 -4.07
N GLY A 169 19.34 16.22 -4.13
CA GLY A 169 19.47 15.11 -3.19
C GLY A 169 20.27 13.98 -3.81
N GLY A 170 19.81 12.75 -3.60
CA GLY A 170 20.29 11.61 -4.36
C GLY A 170 20.23 11.91 -5.85
N PHE A 171 19.06 12.38 -6.30
CA PHE A 171 18.86 12.84 -7.66
C PHE A 171 18.49 14.32 -7.66
N SER A 172 18.74 14.97 -8.80
CA SER A 172 18.42 16.38 -8.99
C SER A 172 17.06 16.54 -9.65
N ASN A 173 16.35 17.62 -9.29
CA ASN A 173 15.09 17.97 -9.90
C ASN A 173 14.86 19.47 -9.76
N VAL A 174 14.25 20.07 -10.78
CA VAL A 174 14.12 21.51 -10.85
C VAL A 174 12.65 21.88 -11.10
N SER A 175 12.22 22.96 -10.44
CA SER A 175 10.92 23.57 -10.68
C SER A 175 11.14 24.92 -11.35
N LEU A 176 10.53 25.08 -12.54
CA LEU A 176 10.66 26.29 -13.33
C LEU A 176 9.47 27.20 -13.07
N LEU A 177 9.75 28.35 -12.44
CA LEU A 177 8.73 29.32 -12.08
C LEU A 177 8.79 30.49 -13.07
N SER A 178 8.16 30.32 -14.23
CA SER A 178 8.18 31.29 -15.30
C SER A 178 6.91 32.15 -15.25
N PRO A 179 7.04 33.49 -15.07
CA PRO A 179 5.87 34.39 -15.13
C PRO A 179 5.06 34.16 -16.41
N GLY A 180 3.75 33.98 -16.25
CA GLY A 180 2.84 33.80 -17.37
C GLY A 180 2.57 32.33 -17.68
N LYS A 181 3.60 31.48 -17.56
CA LYS A 181 3.54 30.09 -18.00
C LYS A 181 3.22 29.18 -16.83
N PRO A 182 2.54 28.03 -17.06
CA PRO A 182 2.37 27.01 -16.01
C PRO A 182 3.70 26.50 -15.46
N VAL A 183 3.68 26.05 -14.20
CA VAL A 183 4.86 25.51 -13.53
C VAL A 183 5.33 24.28 -14.30
N ARG A 184 6.63 24.27 -14.64
CA ARG A 184 7.24 23.14 -15.31
C ARG A 184 8.28 22.51 -14.38
N GLY A 185 8.74 21.31 -14.73
CA GLY A 185 9.72 20.62 -13.93
C GLY A 185 9.89 19.15 -14.30
N PHE A 186 11.01 18.59 -13.84
CA PHE A 186 11.48 17.28 -14.27
C PHE A 186 12.72 16.93 -13.47
N ASP A 187 13.00 15.63 -13.32
CA ASP A 187 14.28 15.18 -12.81
C ASP A 187 15.34 15.59 -13.82
N CYS A 188 16.42 16.23 -13.36
CA CYS A 188 17.53 16.62 -14.22
C CYS A 188 18.40 15.41 -14.53
N GLY A 189 18.60 14.58 -13.49
CA GLY A 189 19.53 13.47 -13.56
C GLY A 189 20.10 13.17 -12.18
N PRO A 190 21.32 12.57 -12.10
CA PRO A 190 21.94 12.30 -10.81
C PRO A 190 22.37 13.57 -10.10
N GLY A 191 22.21 13.59 -8.77
CA GLY A 191 22.73 14.66 -7.94
C GLY A 191 23.97 14.17 -7.19
N ASN A 192 23.74 13.58 -6.02
CA ASN A 192 24.82 13.05 -5.20
C ASN A 192 24.95 11.53 -5.36
N VAL A 193 23.96 10.89 -6.01
CA VAL A 193 23.79 9.45 -5.92
C VAL A 193 25.06 8.73 -6.39
N LEU A 194 25.63 9.16 -7.52
CA LEU A 194 26.78 8.49 -8.11
C LEU A 194 28.04 8.90 -7.35
N MET A 195 28.10 10.17 -6.93
CA MET A 195 29.25 10.67 -6.19
C MET A 195 29.34 9.95 -4.84
N ASP A 196 28.19 9.58 -4.26
CA ASP A 196 28.17 8.81 -3.03
C ASP A 196 28.47 7.34 -3.32
N ALA A 197 27.90 6.81 -4.40
CA ALA A 197 28.01 5.40 -4.74
C ALA A 197 29.45 5.04 -5.09
N TRP A 198 30.15 5.95 -5.78
CA TRP A 198 31.52 5.71 -6.22
C TRP A 198 32.46 5.72 -5.03
N ILE A 199 32.33 6.72 -4.14
CA ILE A 199 33.16 6.82 -2.96
C ILE A 199 32.79 5.71 -1.97
N HIS A 200 31.67 5.00 -2.21
CA HIS A 200 31.28 3.87 -1.39
C HIS A 200 31.86 2.56 -1.93
N HIS A 201 31.76 2.35 -3.26
CA HIS A 201 32.36 1.18 -3.89
C HIS A 201 33.87 1.21 -3.69
N GLN A 202 34.48 2.33 -4.09
CA GLN A 202 35.83 2.70 -3.68
C GLN A 202 35.79 3.00 -2.18
N ARG A 203 36.89 2.72 -1.47
CA ARG A 203 37.13 3.29 -0.15
C ARG A 203 36.12 2.75 0.86
N GLY A 204 34.85 3.21 0.76
CA GLY A 204 33.77 2.70 1.59
C GLY A 204 33.12 3.79 2.46
N GLU A 205 33.02 5.00 1.92
CA GLU A 205 32.41 6.11 2.63
C GLU A 205 30.99 6.32 2.12
N HIS A 206 30.22 7.17 2.82
CA HIS A 206 28.81 7.38 2.51
C HIS A 206 28.64 8.59 1.59
N PHE A 207 29.47 9.63 1.76
CA PHE A 207 29.48 10.74 0.82
C PHE A 207 30.83 11.45 0.85
N ASP A 208 30.97 12.46 -0.02
CA ASP A 208 32.19 13.24 -0.20
C ASP A 208 31.96 14.64 0.36
N ARG A 209 32.54 14.92 1.54
CA ARG A 209 32.24 16.14 2.28
C ARG A 209 32.83 17.35 1.55
N ASP A 210 31.98 18.35 1.31
CA ASP A 210 32.31 19.59 0.63
C ASP A 210 32.76 19.32 -0.81
N GLY A 211 32.60 18.08 -1.28
CA GLY A 211 33.14 17.65 -2.57
C GLY A 211 34.66 17.82 -2.64
N ALA A 212 35.34 17.54 -1.52
CA ALA A 212 36.77 17.77 -1.40
C ALA A 212 37.57 16.72 -2.18
N TRP A 213 37.06 15.47 -2.20
CA TRP A 213 37.69 14.39 -2.94
C TRP A 213 37.52 14.63 -4.44
N ALA A 214 36.36 15.19 -4.83
CA ALA A 214 36.08 15.53 -6.21
C ALA A 214 37.02 16.65 -6.68
N ALA A 215 37.29 17.61 -5.79
CA ALA A 215 38.11 18.77 -6.13
C ALA A 215 39.59 18.39 -6.21
N SER A 216 39.96 17.26 -5.59
CA SER A 216 41.35 16.81 -5.60
C SER A 216 41.71 16.18 -6.95
N GLY A 217 40.72 15.64 -7.64
CA GLY A 217 40.94 14.97 -8.91
C GLY A 217 40.72 15.90 -10.12
N GLN A 218 40.95 15.35 -11.31
CA GLN A 218 40.80 16.06 -12.58
C GLN A 218 39.71 15.40 -13.42
N VAL A 219 38.94 16.23 -14.13
CA VAL A 219 37.85 15.76 -14.96
C VAL A 219 38.44 15.00 -16.16
N ASN A 220 37.81 13.87 -16.51
CA ASN A 220 38.09 13.16 -17.75
C ASN A 220 37.00 13.48 -18.76
N HIS A 221 37.37 14.25 -19.78
CA HIS A 221 36.41 14.88 -20.67
C HIS A 221 35.74 13.84 -21.59
N ALA A 222 36.47 12.77 -21.92
CA ALA A 222 35.93 11.71 -22.75
C ALA A 222 34.89 10.90 -21.97
N LEU A 223 35.20 10.60 -20.71
CA LEU A 223 34.27 9.87 -19.86
C LEU A 223 33.00 10.68 -19.69
N LEU A 224 33.17 11.98 -19.42
CA LEU A 224 32.05 12.90 -19.25
C LEU A 224 31.13 12.83 -20.46
N ALA A 225 31.71 12.84 -21.67
CA ALA A 225 30.96 12.77 -22.91
C ALA A 225 30.15 11.48 -22.96
N SER A 226 30.79 10.37 -22.59
CA SER A 226 30.17 9.06 -22.62
C SER A 226 29.00 8.99 -21.65
N LEU A 227 29.15 9.57 -20.46
CA LEU A 227 28.11 9.56 -19.44
C LEU A 227 26.93 10.42 -19.89
N LEU A 228 27.23 11.57 -20.50
CA LEU A 228 26.21 12.50 -20.98
C LEU A 228 25.50 11.95 -22.22
N ALA A 229 26.00 10.83 -22.77
CA ALA A 229 25.40 10.21 -23.94
C ALA A 229 24.31 9.22 -23.55
N ASP A 230 23.77 9.34 -22.34
CA ASP A 230 22.64 8.52 -21.93
C ASP A 230 21.38 9.14 -22.52
N GLU A 231 20.43 8.27 -22.88
CA GLU A 231 19.21 8.64 -23.56
C GLU A 231 18.38 9.61 -22.71
N PHE A 232 18.53 9.50 -21.37
CA PHE A 232 17.73 10.27 -20.43
C PHE A 232 18.06 11.75 -20.50
N PHE A 233 19.32 12.09 -20.78
CA PHE A 233 19.76 13.48 -20.83
C PHE A 233 19.25 14.15 -22.09
N ALA A 234 19.05 13.37 -23.16
CA ALA A 234 18.53 13.87 -24.42
C ALA A 234 17.05 14.23 -24.26
N ALA A 235 16.30 13.40 -23.53
CA ALA A 235 14.86 13.55 -23.39
C ALA A 235 14.52 14.87 -22.70
N ARG A 236 13.36 15.43 -23.08
CA ARG A 236 12.90 16.71 -22.55
C ARG A 236 11.48 16.56 -22.04
N GLY A 237 10.98 17.60 -21.35
CA GLY A 237 9.63 17.62 -20.83
C GLY A 237 9.48 16.71 -19.62
N PRO A 238 8.24 16.40 -19.19
CA PRO A 238 8.00 15.47 -18.08
C PRO A 238 8.83 14.19 -18.16
N LYS A 239 9.77 14.05 -17.22
CA LYS A 239 10.52 12.82 -17.06
C LYS A 239 10.93 12.67 -15.59
N SER A 240 11.24 11.43 -15.20
CA SER A 240 11.75 11.12 -13.87
C SER A 240 12.69 9.92 -13.97
N THR A 241 13.48 9.71 -12.92
CA THR A 241 14.47 8.65 -12.91
C THR A 241 14.74 8.22 -11.48
N GLY A 242 15.74 7.36 -11.30
CA GLY A 242 16.09 6.82 -9.99
C GLY A 242 17.20 5.78 -10.08
N ARG A 243 17.31 4.96 -9.03
CA ARG A 243 18.36 3.96 -8.90
C ARG A 243 18.26 2.88 -9.98
N GLU A 244 17.12 2.80 -10.67
CA GLU A 244 16.93 1.85 -11.76
C GLU A 244 17.86 2.19 -12.92
N ARG A 245 18.09 3.48 -13.17
CA ARG A 245 18.88 3.93 -14.32
C ARG A 245 20.30 4.25 -13.89
N PHE A 246 20.45 5.21 -12.96
CA PHE A 246 21.74 5.72 -12.56
C PHE A 246 22.20 5.03 -11.27
N ASN A 247 23.19 4.15 -11.41
CA ASN A 247 23.71 3.35 -10.32
C ASN A 247 25.15 2.96 -10.65
N LEU A 248 25.80 2.25 -9.71
CA LEU A 248 27.19 1.85 -9.86
C LEU A 248 27.36 0.96 -11.09
N PRO A 249 26.58 -0.14 -11.25
CA PRO A 249 26.66 -0.97 -12.46
C PRO A 249 26.69 -0.15 -13.74
N TRP A 250 25.78 0.84 -13.83
CA TRP A 250 25.70 1.72 -14.98
C TRP A 250 27.05 2.39 -15.23
N LEU A 251 27.67 2.90 -14.15
CA LEU A 251 28.92 3.64 -14.25
C LEU A 251 30.05 2.72 -14.69
N GLN A 252 30.10 1.52 -14.11
CA GLN A 252 31.15 0.56 -14.40
C GLN A 252 31.09 0.13 -15.87
N GLU A 253 29.87 0.03 -16.40
CA GLU A 253 29.65 -0.33 -17.80
C GLU A 253 30.31 0.69 -18.71
N HIS A 254 30.28 1.97 -18.31
CA HIS A 254 30.90 3.06 -19.06
C HIS A 254 32.42 3.01 -18.87
N LEU A 255 32.87 2.71 -17.65
CA LEU A 255 34.28 2.66 -17.32
C LEU A 255 34.96 1.49 -18.02
N ALA A 256 34.19 0.48 -18.43
CA ALA A 256 34.72 -0.73 -19.03
C ALA A 256 35.37 -0.41 -20.37
N ARG A 257 34.63 0.25 -21.27
CA ARG A 257 35.08 0.49 -22.63
C ARG A 257 36.25 1.48 -22.63
N HIS A 258 36.24 2.42 -21.67
CA HIS A 258 37.29 3.40 -21.52
C HIS A 258 38.50 2.77 -20.82
N PRO A 259 39.70 3.40 -20.89
CA PRO A 259 40.87 2.91 -20.16
C PRO A 259 40.82 3.24 -18.66
N ALA A 260 41.86 2.83 -17.93
CA ALA A 260 41.92 2.99 -16.49
C ALA A 260 42.24 4.45 -16.13
N LEU A 261 41.51 4.96 -15.12
CA LEU A 261 41.63 6.35 -14.68
C LEU A 261 41.80 6.37 -13.16
N PRO A 262 42.46 7.38 -12.58
CA PRO A 262 42.47 7.57 -11.13
C PRO A 262 41.06 7.72 -10.56
N ALA A 263 40.89 7.31 -9.30
CA ALA A 263 39.57 7.24 -8.68
C ALA A 263 39.02 8.65 -8.44
N ALA A 264 39.91 9.58 -8.07
CA ALA A 264 39.52 10.97 -7.80
C ALA A 264 39.08 11.66 -9.08
N ASP A 265 39.69 11.28 -10.21
CA ASP A 265 39.36 11.85 -11.51
C ASP A 265 37.94 11.44 -11.90
N ILE A 266 37.55 10.21 -11.54
CA ILE A 266 36.22 9.71 -11.82
C ILE A 266 35.21 10.47 -10.97
N GLN A 267 35.54 10.65 -9.67
CA GLN A 267 34.73 11.44 -8.77
C GLN A 267 34.54 12.84 -9.32
N ALA A 268 35.63 13.45 -9.80
CA ALA A 268 35.59 14.77 -10.41
C ALA A 268 34.67 14.75 -11.64
N THR A 269 34.75 13.67 -12.43
CA THR A 269 33.92 13.52 -13.62
C THR A 269 32.45 13.43 -13.21
N LEU A 270 32.17 12.72 -12.11
CA LEU A 270 30.80 12.56 -11.63
C LEU A 270 30.23 13.90 -11.18
N LEU A 271 31.05 14.73 -10.51
CA LEU A 271 30.59 16.04 -10.08
C LEU A 271 30.21 16.85 -11.31
N GLU A 272 31.05 16.79 -12.36
CA GLU A 272 30.82 17.53 -13.58
C GLU A 272 29.57 17.01 -14.28
N LEU A 273 29.36 15.69 -14.22
CA LEU A 273 28.19 15.06 -14.84
C LEU A 273 26.91 15.66 -14.26
N SER A 274 26.91 15.92 -12.95
CA SER A 274 25.73 16.45 -12.28
C SER A 274 25.55 17.93 -12.63
N ALA A 275 26.67 18.68 -12.62
CA ALA A 275 26.65 20.10 -12.89
C ALA A 275 26.13 20.35 -14.31
N ARG A 276 26.62 19.56 -15.27
CA ARG A 276 26.37 19.77 -16.69
C ARG A 276 24.96 19.30 -17.05
N SER A 277 24.50 18.21 -16.43
CA SER A 277 23.16 17.69 -16.64
C SER A 277 22.12 18.69 -16.12
N ILE A 278 22.41 19.28 -14.95
CA ILE A 278 21.53 20.28 -14.36
C ILE A 278 21.54 21.54 -15.21
N SER A 279 22.74 22.03 -15.53
CA SER A 279 22.91 23.27 -16.28
C SER A 279 22.14 23.21 -17.60
N GLU A 280 22.43 22.17 -18.39
CA GLU A 280 22.01 22.10 -19.78
C GLU A 280 20.50 21.84 -19.87
N SER A 281 19.97 21.02 -18.96
CA SER A 281 18.55 20.69 -18.94
C SER A 281 17.73 21.88 -18.43
N LEU A 282 18.30 22.62 -17.46
CA LEU A 282 17.64 23.76 -16.88
C LEU A 282 17.61 24.91 -17.90
N LEU A 283 18.77 25.19 -18.52
CA LEU A 283 18.90 26.31 -19.45
C LEU A 283 18.14 26.06 -20.74
N ASP A 284 17.99 24.79 -21.13
CA ASP A 284 17.17 24.42 -22.28
C ASP A 284 15.72 24.82 -22.02
N ALA A 285 15.25 24.62 -20.78
CA ALA A 285 13.86 24.81 -20.42
C ALA A 285 13.57 26.27 -20.06
N GLN A 286 14.54 26.95 -19.44
CA GLN A 286 14.38 28.33 -19.01
C GLN A 286 15.67 29.09 -19.29
N PRO A 287 15.98 29.41 -20.57
CA PRO A 287 17.17 30.21 -20.91
C PRO A 287 17.17 31.61 -20.31
N ASP A 288 15.98 32.06 -19.90
CA ASP A 288 15.77 33.39 -19.34
C ASP A 288 16.01 33.43 -17.83
N CYS A 289 16.54 32.33 -17.26
CA CYS A 289 16.62 32.18 -15.81
C CYS A 289 17.53 33.22 -15.19
N GLU A 290 17.05 33.82 -14.08
CA GLU A 290 17.74 34.92 -13.42
C GLU A 290 18.24 34.50 -12.04
N GLU A 291 17.61 33.47 -11.45
CA GLU A 291 17.98 32.97 -10.13
C GLU A 291 17.78 31.46 -10.07
N VAL A 292 18.82 30.75 -9.63
CA VAL A 292 18.71 29.34 -9.29
C VAL A 292 18.80 29.23 -7.76
N LEU A 293 17.72 28.74 -7.14
CA LEU A 293 17.69 28.52 -5.71
C LEU A 293 17.90 27.03 -5.43
N VAL A 294 18.96 26.71 -4.68
CA VAL A 294 19.39 25.33 -4.51
C VAL A 294 18.97 24.86 -3.11
N CYS A 295 18.24 23.73 -3.09
CA CYS A 295 17.86 23.07 -1.85
C CYS A 295 18.33 21.62 -1.92
N GLY A 296 18.14 20.88 -0.83
CA GLY A 296 18.68 19.53 -0.71
C GLY A 296 20.14 19.55 -0.28
N GLY A 297 20.67 18.36 0.04
CA GLY A 297 21.99 18.22 0.64
C GLY A 297 23.12 18.57 -0.32
N GLY A 298 22.82 18.62 -1.62
CA GLY A 298 23.79 19.07 -2.62
C GLY A 298 24.14 20.54 -2.46
N ALA A 299 23.25 21.31 -1.81
CA ALA A 299 23.51 22.71 -1.54
C ALA A 299 24.80 22.86 -0.74
N PHE A 300 25.14 21.85 0.07
CA PHE A 300 26.28 21.91 0.97
C PHE A 300 27.58 21.50 0.26
N ASN A 301 27.48 21.07 -1.00
CA ASN A 301 28.66 20.71 -1.77
C ASN A 301 29.27 21.98 -2.37
N THR A 302 30.40 22.41 -1.81
CA THR A 302 31.04 23.66 -2.21
C THR A 302 31.58 23.57 -3.64
N ALA A 303 32.13 22.41 -3.99
CA ALA A 303 32.67 22.18 -5.33
C ALA A 303 31.55 22.23 -6.36
N LEU A 304 30.43 21.55 -6.07
CA LEU A 304 29.32 21.46 -7.01
C LEU A 304 28.67 22.82 -7.22
N MET A 305 28.40 23.53 -6.12
CA MET A 305 27.72 24.81 -6.17
C MET A 305 28.52 25.79 -7.02
N LYS A 306 29.83 25.85 -6.80
CA LYS A 306 30.72 26.71 -7.55
C LYS A 306 30.56 26.48 -9.06
N ARG A 307 30.51 25.21 -9.46
CA ARG A 307 30.48 24.83 -10.87
C ARG A 307 29.16 25.24 -11.52
N LEU A 308 28.05 25.12 -10.77
CA LEU A 308 26.74 25.50 -11.28
C LEU A 308 26.71 27.01 -11.57
N ALA A 309 27.31 27.81 -10.68
CA ALA A 309 27.35 29.26 -10.83
C ALA A 309 28.08 29.64 -12.12
N MET A 310 29.14 28.90 -12.45
CA MET A 310 30.00 29.20 -13.59
C MET A 310 29.41 28.64 -14.89
N LEU A 311 28.58 27.60 -14.79
CA LEU A 311 27.94 27.01 -15.96
C LEU A 311 26.63 27.72 -16.28
N MET A 312 26.19 28.59 -15.36
CA MET A 312 24.98 29.38 -15.54
C MET A 312 25.27 30.82 -15.14
N PRO A 313 26.10 31.55 -15.92
CA PRO A 313 26.56 32.89 -15.53
C PRO A 313 25.50 33.98 -15.61
N GLU A 314 24.41 33.71 -16.35
CA GLU A 314 23.32 34.66 -16.49
C GLU A 314 22.38 34.58 -15.29
N ALA A 315 22.66 33.66 -14.35
CA ALA A 315 21.78 33.39 -13.23
C ALA A 315 22.51 33.61 -11.90
N ARG A 316 21.75 34.02 -10.88
CA ARG A 316 22.25 34.06 -9.51
C ARG A 316 22.02 32.70 -8.86
N VAL A 317 23.11 31.96 -8.64
CA VAL A 317 23.06 30.65 -8.02
C VAL A 317 23.35 30.82 -6.53
N ALA A 318 22.34 30.54 -5.70
CA ALA A 318 22.50 30.53 -4.26
C ALA A 318 21.57 29.47 -3.66
N SER A 319 21.86 29.06 -2.42
CA SER A 319 21.00 28.12 -1.72
C SER A 319 19.74 28.85 -1.25
N THR A 320 18.77 28.09 -0.75
CA THR A 320 17.50 28.65 -0.31
C THR A 320 17.65 29.31 1.06
N ASP A 321 18.83 29.17 1.68
CA ASP A 321 19.13 29.80 2.95
C ASP A 321 18.97 31.32 2.86
N GLU A 322 19.40 31.90 1.74
CA GLU A 322 19.36 33.34 1.54
C GLU A 322 17.90 33.83 1.57
N TYR A 323 16.99 32.97 1.11
CA TYR A 323 15.59 33.31 0.96
C TYR A 323 14.77 32.81 2.17
N GLY A 324 15.45 32.44 3.26
CA GLY A 324 14.77 32.22 4.54
C GLY A 324 14.56 30.75 4.89
N ILE A 325 14.62 29.85 3.90
CA ILE A 325 14.28 28.45 4.12
C ILE A 325 15.53 27.59 4.04
N PRO A 326 15.89 26.83 5.10
CA PRO A 326 17.04 25.94 5.05
C PRO A 326 16.90 24.85 3.99
N PRO A 327 17.89 24.68 3.09
CA PRO A 327 17.78 23.73 1.98
C PRO A 327 17.58 22.27 2.40
N ALA A 328 18.00 21.93 3.63
CA ALA A 328 17.85 20.59 4.15
C ALA A 328 16.37 20.20 4.30
N TRP A 329 15.50 21.16 4.62
CA TRP A 329 14.16 20.84 5.09
C TRP A 329 13.08 21.16 4.06
N MET A 330 13.47 21.44 2.81
CA MET A 330 12.52 21.89 1.81
C MET A 330 11.52 20.77 1.47
N GLU A 331 12.02 19.55 1.23
CA GLU A 331 11.18 18.42 0.85
C GLU A 331 10.27 18.04 2.01
N GLY A 332 10.82 18.02 3.23
CA GLY A 332 10.03 17.75 4.43
C GLY A 332 8.89 18.73 4.60
N MET A 333 9.18 20.02 4.37
CA MET A 333 8.19 21.08 4.46
C MET A 333 7.13 20.88 3.37
N ALA A 334 7.57 20.42 2.20
CA ALA A 334 6.69 20.27 1.04
C ALA A 334 5.63 19.19 1.29
N PHE A 335 6.01 18.10 1.96
CA PHE A 335 5.09 17.00 2.19
C PHE A 335 4.16 17.31 3.38
N ALA A 336 4.62 18.16 4.30
CA ALA A 336 3.74 18.73 5.31
C ALA A 336 2.64 19.55 4.62
N TRP A 337 3.09 20.41 3.70
CA TRP A 337 2.21 21.27 2.92
C TRP A 337 1.18 20.44 2.15
N LEU A 338 1.60 19.29 1.60
CA LEU A 338 0.72 18.45 0.79
C LEU A 338 -0.36 17.79 1.65
N ALA A 339 -0.07 17.50 2.92
CA ALA A 339 -1.08 17.01 3.84
C ALA A 339 -2.17 18.06 4.02
N HIS A 340 -1.76 19.32 4.11
CA HIS A 340 -2.67 20.46 4.14
C HIS A 340 -3.54 20.43 2.88
N ARG A 341 -2.87 20.33 1.73
CA ARG A 341 -3.52 20.38 0.42
C ARG A 341 -4.52 19.23 0.27
N PHE A 342 -4.17 18.04 0.77
CA PHE A 342 -5.09 16.92 0.74
C PHE A 342 -6.34 17.23 1.56
N LEU A 343 -6.14 17.75 2.78
CA LEU A 343 -7.23 17.97 3.72
C LEU A 343 -8.14 19.12 3.27
N GLU A 344 -7.68 19.94 2.32
CA GLU A 344 -8.50 21.03 1.79
C GLU A 344 -8.99 20.69 0.38
N ARG A 345 -8.59 19.52 -0.14
CA ARG A 345 -9.00 19.04 -1.45
C ARG A 345 -8.45 19.95 -2.55
N LEU A 346 -7.20 20.39 -2.38
CA LEU A 346 -6.50 21.20 -3.37
C LEU A 346 -5.53 20.31 -4.13
N PRO A 347 -5.39 20.48 -5.47
CA PRO A 347 -4.51 19.63 -6.27
C PRO A 347 -3.08 19.55 -5.73
N GLY A 348 -2.48 18.37 -5.86
CA GLY A 348 -1.13 18.13 -5.37
C GLY A 348 -0.09 18.24 -6.49
N ASN A 349 -0.47 17.80 -7.68
CA ASN A 349 0.44 17.69 -8.81
C ASN A 349 0.42 18.96 -9.66
N CYS A 350 1.44 19.08 -10.51
CA CYS A 350 1.46 20.02 -11.62
C CYS A 350 1.44 19.21 -12.91
N PRO A 351 0.31 19.19 -13.66
CA PRO A 351 0.21 18.39 -14.89
C PRO A 351 1.33 18.55 -15.91
N ASP A 352 1.86 19.76 -16.07
CA ASP A 352 2.91 20.03 -17.05
C ASP A 352 4.29 19.68 -16.46
N VAL A 353 4.34 19.35 -15.18
CA VAL A 353 5.53 18.76 -14.58
C VAL A 353 5.50 17.24 -14.80
N THR A 354 4.43 16.61 -14.30
CA THR A 354 4.35 15.16 -14.20
C THR A 354 3.93 14.55 -15.54
N GLY A 355 3.07 15.25 -16.28
CA GLY A 355 2.54 14.76 -17.55
C GLY A 355 1.21 14.05 -17.38
N ALA A 356 0.59 14.22 -16.20
CA ALA A 356 -0.70 13.61 -15.90
C ALA A 356 -1.81 14.31 -16.69
N LEU A 357 -2.97 13.64 -16.78
CA LEU A 357 -4.14 14.13 -17.51
C LEU A 357 -4.58 15.50 -17.00
N GLY A 358 -4.36 15.77 -15.71
CA GLY A 358 -4.75 17.04 -15.13
C GLY A 358 -4.48 17.09 -13.63
N PRO A 359 -4.91 18.18 -12.94
CA PRO A 359 -4.72 18.29 -11.49
C PRO A 359 -5.49 17.21 -10.73
N ARG A 360 -4.86 16.71 -9.66
CA ARG A 360 -5.39 15.60 -8.87
C ARG A 360 -5.06 15.81 -7.40
N THR A 361 -6.05 15.56 -6.54
CA THR A 361 -5.85 15.46 -5.11
C THR A 361 -4.94 14.26 -4.83
N LEU A 362 -3.75 14.54 -4.27
CA LEU A 362 -2.74 13.51 -4.03
C LEU A 362 -2.76 13.07 -2.56
N GLY A 363 -2.71 11.75 -2.37
CA GLY A 363 -2.53 11.16 -1.04
C GLY A 363 -3.75 10.36 -0.61
N ALA A 364 -3.59 9.67 0.52
CA ALA A 364 -4.67 8.92 1.16
C ALA A 364 -4.65 9.22 2.66
N LEU A 365 -5.84 9.25 3.28
CA LEU A 365 -5.96 9.61 4.68
C LEU A 365 -6.10 8.35 5.54
N TYR A 366 -5.12 8.18 6.43
CA TYR A 366 -5.18 7.18 7.49
C TYR A 366 -5.40 7.90 8.82
N PRO A 367 -6.63 7.93 9.36
CA PRO A 367 -6.89 8.66 10.60
C PRO A 367 -6.35 7.93 11.83
N ALA A 368 -5.90 8.71 12.82
CA ALA A 368 -5.55 8.20 14.14
C ALA A 368 -6.79 7.60 14.81
N MET B 6 -29.43 9.50 3.15
CA MET B 6 -29.60 8.06 2.81
C MET B 6 -28.50 7.65 1.82
N PRO B 7 -27.21 7.77 2.19
CA PRO B 7 -26.11 7.62 1.23
C PRO B 7 -26.02 6.21 0.64
N ARG B 8 -25.51 6.15 -0.59
CA ARG B 8 -25.31 4.90 -1.29
C ARG B 8 -23.81 4.58 -1.32
N TYR B 9 -23.46 3.33 -1.00
CA TYR B 9 -22.08 2.88 -1.05
C TYR B 9 -21.95 1.69 -1.99
N LEU B 10 -20.78 1.60 -2.63
CA LEU B 10 -20.35 0.39 -3.33
C LEU B 10 -19.46 -0.43 -2.39
N GLY B 11 -19.65 -1.75 -2.42
CA GLY B 11 -18.77 -2.69 -1.75
C GLY B 11 -18.10 -3.64 -2.75
N LEU B 12 -16.77 -3.77 -2.64
CA LEU B 12 -15.98 -4.59 -3.53
C LEU B 12 -15.20 -5.63 -2.71
N MET B 13 -15.45 -6.91 -2.97
CA MET B 13 -14.81 -7.99 -2.23
C MET B 13 -14.33 -9.07 -3.18
N SER B 14 -13.06 -9.47 -3.03
CA SER B 14 -12.49 -10.58 -3.78
C SER B 14 -11.72 -11.49 -2.83
N GLY B 15 -12.37 -12.57 -2.40
CA GLY B 15 -11.88 -13.41 -1.32
C GLY B 15 -10.82 -14.41 -1.78
N THR B 16 -10.44 -15.30 -0.85
CA THR B 16 -9.29 -16.17 -1.00
C THR B 16 -9.58 -17.35 -1.92
N SER B 17 -10.87 -17.61 -2.19
CA SER B 17 -11.25 -18.67 -3.12
C SER B 17 -10.82 -18.33 -4.54
N LEU B 18 -10.77 -17.03 -4.86
CA LEU B 18 -10.33 -16.52 -6.16
C LEU B 18 -11.31 -16.91 -7.27
N ASP B 19 -12.58 -17.10 -6.90
CA ASP B 19 -13.64 -17.44 -7.85
C ASP B 19 -14.01 -16.22 -8.68
N GLY B 20 -13.99 -15.04 -8.04
CA GLY B 20 -14.31 -13.79 -8.72
C GLY B 20 -14.52 -12.63 -7.76
N MET B 21 -14.97 -11.50 -8.34
CA MET B 21 -15.14 -10.25 -7.62
C MET B 21 -16.63 -10.01 -7.36
N ASP B 22 -16.96 -9.75 -6.10
CA ASP B 22 -18.31 -9.36 -5.73
C ASP B 22 -18.38 -7.84 -5.69
N ILE B 23 -19.38 -7.27 -6.36
CA ILE B 23 -19.64 -5.84 -6.30
C ILE B 23 -21.08 -5.67 -5.84
N VAL B 24 -21.27 -4.96 -4.72
CA VAL B 24 -22.61 -4.70 -4.21
C VAL B 24 -22.84 -3.20 -4.18
N LEU B 25 -24.11 -2.82 -4.26
CA LEU B 25 -24.55 -1.47 -4.01
C LEU B 25 -25.59 -1.50 -2.88
N ILE B 26 -25.37 -0.70 -1.84
CA ILE B 26 -26.27 -0.69 -0.70
C ILE B 26 -26.75 0.73 -0.44
N GLU B 27 -27.86 0.84 0.30
CA GLU B 27 -28.27 2.09 0.91
C GLU B 27 -28.13 1.97 2.42
N GLN B 28 -27.58 3.00 3.04
CA GLN B 28 -27.32 3.04 4.47
C GLN B 28 -28.17 4.15 5.08
N GLY B 29 -29.49 3.91 5.13
CA GLY B 29 -30.43 4.80 5.80
C GLY B 29 -30.59 4.44 7.27
N ASP B 30 -31.82 4.08 7.67
CA ASP B 30 -32.08 3.58 9.00
C ASP B 30 -31.47 2.20 9.16
N ARG B 31 -31.36 1.46 8.04
CA ARG B 31 -30.65 0.18 8.04
C ARG B 31 -29.95 0.00 6.69
N THR B 32 -29.28 -1.15 6.54
CA THR B 32 -28.58 -1.51 5.32
C THR B 32 -29.54 -2.21 4.38
N THR B 33 -29.68 -1.68 3.14
CA THR B 33 -30.48 -2.30 2.11
C THR B 33 -29.62 -2.62 0.89
N LEU B 34 -29.75 -3.84 0.38
CA LEU B 34 -29.06 -4.25 -0.83
C LEU B 34 -29.87 -3.76 -2.03
N LEU B 35 -29.27 -2.88 -2.83
CA LEU B 35 -29.91 -2.34 -4.01
C LEU B 35 -29.60 -3.23 -5.22
N ALA B 36 -28.33 -3.61 -5.39
CA ALA B 36 -27.92 -4.42 -6.52
C ALA B 36 -26.65 -5.19 -6.22
N SER B 37 -26.47 -6.29 -6.96
CA SER B 37 -25.24 -7.07 -6.95
C SER B 37 -24.70 -7.19 -8.37
N HIS B 38 -23.42 -7.58 -8.48
CA HIS B 38 -22.74 -7.74 -9.75
C HIS B 38 -21.49 -8.59 -9.53
N TYR B 39 -21.46 -9.78 -10.13
CA TYR B 39 -20.36 -10.74 -9.98
C TYR B 39 -19.48 -10.72 -11.23
N LEU B 40 -18.15 -10.69 -11.01
CA LEU B 40 -17.17 -10.80 -12.07
C LEU B 40 -16.39 -12.11 -11.93
N PRO B 41 -16.63 -13.13 -12.79
CA PRO B 41 -15.76 -14.31 -12.81
C PRO B 41 -14.31 -13.88 -12.95
N MET B 42 -13.44 -14.44 -12.10
CA MET B 42 -12.02 -14.13 -12.13
C MET B 42 -11.43 -14.73 -13.40
N PRO B 43 -10.82 -13.93 -14.30
CA PRO B 43 -10.13 -14.48 -15.47
C PRO B 43 -9.07 -15.50 -15.08
N ALA B 44 -8.89 -16.53 -15.92
CA ALA B 44 -7.99 -17.65 -15.62
C ALA B 44 -6.58 -17.15 -15.35
N GLY B 45 -6.08 -16.30 -16.24
CA GLY B 45 -4.71 -15.80 -16.17
C GLY B 45 -4.45 -15.06 -14.85
N LEU B 46 -5.41 -14.21 -14.46
CA LEU B 46 -5.27 -13.36 -13.30
C LEU B 46 -5.37 -14.18 -12.02
N ARG B 47 -6.28 -15.17 -12.01
CA ARG B 47 -6.43 -16.05 -10.87
C ARG B 47 -5.09 -16.72 -10.55
N GLU B 48 -4.40 -17.19 -11.60
CA GLU B 48 -3.19 -17.98 -11.45
C GLU B 48 -2.02 -17.09 -11.02
N ASP B 49 -2.04 -15.82 -11.44
CA ASP B 49 -0.98 -14.88 -11.10
C ASP B 49 -1.12 -14.39 -9.66
N ILE B 50 -2.36 -14.26 -9.19
CA ILE B 50 -2.63 -13.94 -7.80
C ILE B 50 -2.17 -15.10 -6.92
N LEU B 51 -2.52 -16.33 -7.31
CA LEU B 51 -2.10 -17.54 -6.60
C LEU B 51 -0.59 -17.62 -6.53
N ALA B 52 0.08 -17.18 -7.60
CA ALA B 52 1.54 -17.20 -7.68
C ALA B 52 2.16 -16.17 -6.73
N LEU B 53 1.34 -15.24 -6.20
CA LEU B 53 1.81 -14.24 -5.25
C LEU B 53 1.48 -14.63 -3.81
N CYS B 54 0.78 -15.75 -3.63
CA CYS B 54 0.35 -16.20 -2.31
C CYS B 54 1.42 -17.03 -1.61
N VAL B 55 2.48 -17.40 -2.34
CA VAL B 55 3.65 -18.01 -1.73
C VAL B 55 4.86 -17.13 -2.04
N PRO B 56 5.95 -17.20 -1.24
CA PRO B 56 7.18 -16.48 -1.54
C PRO B 56 7.74 -16.82 -2.93
N GLY B 57 8.22 -15.79 -3.63
CA GLY B 57 8.72 -15.95 -4.98
C GLY B 57 9.60 -14.78 -5.42
N PRO B 58 10.17 -14.83 -6.65
CA PRO B 58 11.00 -13.74 -7.17
C PRO B 58 10.19 -12.54 -7.66
N ASP B 59 10.82 -11.36 -7.60
CA ASP B 59 10.37 -10.18 -8.31
C ASP B 59 8.91 -9.88 -7.96
N GLU B 60 8.56 -10.04 -6.68
CA GLU B 60 7.20 -9.94 -6.20
C GLU B 60 6.65 -8.51 -6.28
N ILE B 61 7.49 -7.50 -6.01
CA ILE B 61 7.03 -6.11 -5.98
C ILE B 61 6.60 -5.66 -7.38
N ALA B 62 7.41 -5.95 -8.40
CA ALA B 62 7.06 -5.64 -9.78
C ALA B 62 5.84 -6.48 -10.21
N ARG B 63 5.86 -7.78 -9.89
CA ARG B 63 4.79 -8.69 -10.26
C ARG B 63 3.48 -8.24 -9.64
N ALA B 64 3.49 -7.97 -8.33
CA ALA B 64 2.28 -7.57 -7.62
C ALA B 64 1.72 -6.28 -8.22
N ALA B 65 2.58 -5.32 -8.57
CA ALA B 65 2.11 -4.06 -9.11
C ALA B 65 1.33 -4.28 -10.41
N GLU B 66 1.87 -5.09 -11.32
CA GLU B 66 1.24 -5.33 -12.61
C GLU B 66 -0.05 -6.14 -12.44
N VAL B 67 -0.05 -7.13 -11.53
CA VAL B 67 -1.26 -7.88 -11.21
C VAL B 67 -2.33 -6.92 -10.67
N GLU B 68 -1.87 -5.95 -9.88
CA GLU B 68 -2.73 -4.99 -9.20
C GLU B 68 -3.50 -4.14 -10.20
N GLN B 69 -2.81 -3.70 -11.26
CA GLN B 69 -3.38 -2.86 -12.30
C GLN B 69 -4.51 -3.59 -13.01
N ARG B 70 -4.31 -4.89 -13.27
CA ARG B 70 -5.31 -5.71 -13.94
C ARG B 70 -6.51 -5.91 -13.02
N TRP B 71 -6.25 -6.22 -11.75
CA TRP B 71 -7.29 -6.39 -10.76
C TRP B 71 -8.16 -5.13 -10.69
N VAL B 72 -7.51 -3.96 -10.62
CA VAL B 72 -8.22 -2.70 -10.47
C VAL B 72 -8.98 -2.37 -11.75
N ALA B 73 -8.36 -2.64 -12.91
CA ALA B 73 -8.99 -2.41 -14.21
C ALA B 73 -10.30 -3.20 -14.30
N LEU B 74 -10.28 -4.45 -13.81
CA LEU B 74 -11.45 -5.31 -13.83
C LEU B 74 -12.51 -4.80 -12.85
N ALA B 75 -12.07 -4.40 -11.66
CA ALA B 75 -12.99 -3.86 -10.65
C ALA B 75 -13.71 -2.64 -11.20
N ALA B 76 -12.95 -1.70 -11.79
CA ALA B 76 -13.51 -0.47 -12.34
C ALA B 76 -14.50 -0.78 -13.47
N GLN B 77 -14.14 -1.73 -14.34
CA GLN B 77 -15.06 -2.18 -15.40
C GLN B 77 -16.38 -2.62 -14.77
N GLY B 78 -16.30 -3.50 -13.77
CA GLY B 78 -17.48 -4.02 -13.09
C GLY B 78 -18.35 -2.90 -12.51
N VAL B 79 -17.69 -1.92 -11.88
CA VAL B 79 -18.40 -0.80 -11.26
C VAL B 79 -19.15 -0.02 -12.35
N ARG B 80 -18.46 0.27 -13.45
CA ARG B 80 -19.05 0.97 -14.59
C ARG B 80 -20.28 0.22 -15.09
N GLU B 81 -20.13 -1.09 -15.33
CA GLU B 81 -21.20 -1.92 -15.83
C GLU B 81 -22.43 -1.85 -14.91
N LEU B 82 -22.20 -1.96 -13.60
CA LEU B 82 -23.28 -2.02 -12.63
C LEU B 82 -24.02 -0.68 -12.58
N LEU B 83 -23.30 0.43 -12.57
CA LEU B 83 -23.92 1.74 -12.49
C LEU B 83 -24.76 2.01 -13.74
N LEU B 84 -24.22 1.70 -14.93
CA LEU B 84 -24.94 1.88 -16.18
C LEU B 84 -26.21 1.03 -16.20
N GLN B 85 -26.12 -0.20 -15.68
CA GLN B 85 -27.26 -1.11 -15.70
C GLN B 85 -28.32 -0.66 -14.69
N GLN B 86 -27.89 0.08 -13.64
CA GLN B 86 -28.80 0.60 -12.62
C GLN B 86 -29.23 2.03 -12.93
N GLN B 87 -28.79 2.58 -14.07
CA GLN B 87 -29.10 3.95 -14.47
C GLN B 87 -28.67 4.93 -13.37
N MET B 88 -27.40 4.83 -12.96
CA MET B 88 -26.87 5.64 -11.88
C MET B 88 -25.61 6.35 -12.33
N SER B 89 -25.45 7.61 -11.91
CA SER B 89 -24.17 8.30 -12.02
C SER B 89 -23.28 7.88 -10.86
N PRO B 90 -21.94 7.85 -11.02
CA PRO B 90 -21.02 7.69 -9.89
C PRO B 90 -21.01 8.87 -8.91
N ASP B 91 -21.60 9.99 -9.32
CA ASP B 91 -21.83 11.12 -8.43
C ASP B 91 -22.75 10.69 -7.28
N GLU B 92 -23.63 9.72 -7.56
CA GLU B 92 -24.67 9.30 -6.64
C GLU B 92 -24.12 8.28 -5.61
N VAL B 93 -22.87 7.83 -5.79
CA VAL B 93 -22.25 6.92 -4.84
C VAL B 93 -21.31 7.73 -3.95
N ARG B 94 -21.50 7.62 -2.62
CA ARG B 94 -20.68 8.35 -1.66
C ARG B 94 -19.25 7.82 -1.69
N ALA B 95 -19.08 6.49 -1.65
CA ALA B 95 -17.75 5.89 -1.70
C ALA B 95 -17.83 4.40 -1.99
N ILE B 96 -16.67 3.84 -2.40
CA ILE B 96 -16.45 2.41 -2.51
C ILE B 96 -15.65 1.94 -1.30
N GLY B 97 -16.17 0.92 -0.60
CA GLY B 97 -15.37 0.15 0.35
C GLY B 97 -14.74 -1.06 -0.33
N SER B 98 -13.41 -1.02 -0.49
CA SER B 98 -12.67 -2.06 -1.19
C SER B 98 -11.81 -2.89 -0.22
N HIS B 99 -12.10 -4.19 -0.13
CA HIS B 99 -11.25 -5.09 0.64
C HIS B 99 -9.89 -5.26 -0.01
N GLY B 100 -9.86 -5.22 -1.35
CA GLY B 100 -8.67 -5.60 -2.10
C GLY B 100 -8.54 -7.11 -2.18
N GLN B 101 -7.31 -7.58 -2.47
CA GLN B 101 -7.02 -8.99 -2.62
C GLN B 101 -5.87 -9.35 -1.68
N THR B 102 -6.16 -10.23 -0.70
CA THR B 102 -5.11 -10.78 0.15
C THR B 102 -4.18 -11.66 -0.68
N ILE B 103 -2.88 -11.39 -0.61
CA ILE B 103 -1.90 -12.28 -1.22
C ILE B 103 -0.94 -12.82 -0.15
N ARG B 104 -1.03 -12.32 1.08
CA ARG B 104 -0.22 -12.84 2.17
C ARG B 104 -0.87 -12.42 3.49
N HIS B 105 -1.02 -13.38 4.40
CA HIS B 105 -1.59 -13.12 5.71
C HIS B 105 -0.70 -13.76 6.78
N GLU B 106 0.04 -12.91 7.50
CA GLU B 106 1.02 -13.39 8.47
C GLU B 106 0.85 -12.64 9.79
N PRO B 107 -0.28 -12.83 10.52
CA PRO B 107 -0.50 -12.16 11.80
C PRO B 107 0.64 -12.36 12.80
N ALA B 108 1.22 -13.58 12.80
CA ALA B 108 2.31 -13.92 13.71
C ALA B 108 3.52 -13.02 13.48
N ARG B 109 3.80 -12.70 12.21
CA ARG B 109 4.88 -11.80 11.85
C ARG B 109 4.37 -10.36 11.82
N HIS B 110 3.10 -10.16 12.16
CA HIS B 110 2.48 -8.87 12.35
C HIS B 110 2.36 -8.11 11.03
N PHE B 111 1.94 -8.80 9.96
CA PHE B 111 1.62 -8.13 8.70
C PHE B 111 0.62 -8.95 7.89
N THR B 112 -0.10 -8.22 7.03
CA THR B 112 -1.09 -8.78 6.12
C THR B 112 -1.09 -7.88 4.88
N VAL B 113 -1.17 -8.50 3.70
CA VAL B 113 -0.95 -7.79 2.45
C VAL B 113 -2.16 -7.96 1.55
N GLN B 114 -2.89 -6.85 1.36
CA GLN B 114 -4.01 -6.76 0.44
C GLN B 114 -3.61 -5.83 -0.71
N ILE B 115 -3.55 -6.36 -1.93
CA ILE B 115 -3.27 -5.53 -3.09
C ILE B 115 -4.60 -5.02 -3.64
N GLY B 116 -4.53 -3.90 -4.39
CA GLY B 116 -5.71 -3.33 -5.02
C GLY B 116 -5.64 -1.80 -5.18
N ASN B 117 -4.42 -1.28 -5.37
CA ASN B 117 -4.14 0.13 -5.64
C ASN B 117 -5.43 0.95 -5.63
N PRO B 118 -5.91 1.36 -4.43
CA PRO B 118 -7.10 2.19 -4.30
C PRO B 118 -7.05 3.55 -5.01
N ALA B 119 -5.84 4.10 -5.19
CA ALA B 119 -5.68 5.38 -5.85
C ALA B 119 -6.05 5.27 -7.33
N LEU B 120 -5.59 4.18 -7.97
CA LEU B 120 -5.97 3.91 -9.34
C LEU B 120 -7.46 3.60 -9.42
N LEU B 121 -8.01 2.93 -8.39
CA LEU B 121 -9.42 2.56 -8.39
C LEU B 121 -10.27 3.84 -8.33
N ALA B 122 -9.83 4.82 -7.54
CA ALA B 122 -10.51 6.11 -7.46
C ALA B 122 -10.42 6.85 -8.80
N GLU B 123 -9.23 6.82 -9.41
CA GLU B 123 -8.99 7.44 -10.71
C GLU B 123 -9.98 6.89 -11.74
N LEU B 124 -10.13 5.56 -11.80
CA LEU B 124 -10.87 4.93 -12.88
C LEU B 124 -12.38 5.04 -12.65
N THR B 125 -12.83 5.01 -11.38
CA THR B 125 -14.26 5.00 -11.10
C THR B 125 -14.81 6.40 -10.89
N GLY B 126 -13.94 7.35 -10.50
CA GLY B 126 -14.35 8.70 -10.13
C GLY B 126 -15.09 8.75 -8.80
N ILE B 127 -14.98 7.68 -8.00
CA ILE B 127 -15.65 7.59 -6.70
C ILE B 127 -14.59 7.42 -5.62
N ASP B 128 -14.75 8.16 -4.50
CA ASP B 128 -13.88 8.04 -3.34
C ASP B 128 -13.76 6.57 -2.93
N VAL B 129 -12.53 6.13 -2.63
CA VAL B 129 -12.30 4.76 -2.21
C VAL B 129 -11.85 4.77 -0.75
N VAL B 130 -12.49 3.90 0.05
CA VAL B 130 -12.00 3.51 1.37
C VAL B 130 -11.46 2.08 1.25
N ALA B 131 -10.22 1.87 1.68
CA ALA B 131 -9.56 0.58 1.52
C ALA B 131 -8.57 0.31 2.65
N ASP B 132 -7.91 -0.86 2.57
CA ASP B 132 -6.80 -1.22 3.43
C ASP B 132 -7.29 -1.28 4.88
N PHE B 133 -8.29 -2.14 5.14
CA PHE B 133 -8.99 -2.11 6.42
C PHE B 133 -8.23 -2.84 7.54
N ARG B 134 -7.65 -4.02 7.26
CA ARG B 134 -7.10 -4.87 8.30
C ARG B 134 -5.85 -4.26 8.95
N ARG B 135 -5.00 -3.61 8.14
CA ARG B 135 -3.69 -3.15 8.59
C ARG B 135 -3.72 -2.45 9.94
N ARG B 136 -4.69 -1.54 10.14
CA ARG B 136 -4.74 -0.77 11.38
C ARG B 136 -5.07 -1.67 12.57
N ASP B 137 -5.87 -2.72 12.34
CA ASP B 137 -6.16 -3.70 13.38
C ASP B 137 -4.89 -4.48 13.72
N VAL B 138 -4.11 -4.84 12.70
CA VAL B 138 -2.85 -5.55 12.89
C VAL B 138 -1.88 -4.64 13.65
N ALA B 139 -1.87 -3.37 13.26
CA ALA B 139 -1.04 -2.35 13.91
C ALA B 139 -1.40 -2.25 15.39
N ALA B 140 -2.66 -2.56 15.73
CA ALA B 140 -3.16 -2.46 17.09
C ALA B 140 -2.94 -3.77 17.84
N GLY B 141 -2.17 -4.70 17.25
CA GLY B 141 -1.83 -5.96 17.88
C GLY B 141 -2.85 -7.06 17.61
N GLY B 142 -3.73 -6.83 16.63
CA GLY B 142 -4.80 -7.77 16.30
C GLY B 142 -4.41 -8.71 15.17
N GLN B 143 -5.29 -9.70 14.92
CA GLN B 143 -5.09 -10.68 13.86
C GLN B 143 -5.41 -10.09 12.49
N GLY B 144 -6.33 -9.11 12.47
CA GLY B 144 -6.74 -8.45 11.25
C GLY B 144 -7.91 -9.15 10.56
N ALA B 145 -8.40 -10.24 11.18
CA ALA B 145 -9.47 -11.05 10.61
C ALA B 145 -10.09 -11.92 11.71
N PRO B 146 -11.42 -12.21 11.68
CA PRO B 146 -12.38 -11.58 10.75
C PRO B 146 -12.77 -10.14 11.06
N LEU B 147 -13.29 -9.44 10.04
CA LEU B 147 -13.69 -8.05 10.15
C LEU B 147 -15.20 -7.86 9.99
N VAL B 148 -15.93 -8.90 9.57
CA VAL B 148 -17.37 -8.81 9.33
C VAL B 148 -18.17 -8.79 10.64
N PRO B 149 -17.70 -9.34 11.78
CA PRO B 149 -18.55 -9.51 12.96
C PRO B 149 -19.39 -8.29 13.36
N ALA B 150 -18.78 -7.10 13.28
CA ALA B 150 -19.47 -5.86 13.63
C ALA B 150 -20.67 -5.64 12.70
N PHE B 151 -20.51 -5.97 11.41
CA PHE B 151 -21.59 -5.86 10.46
C PHE B 151 -22.70 -6.87 10.79
N HIS B 152 -22.27 -8.13 11.01
CA HIS B 152 -23.15 -9.22 11.41
C HIS B 152 -24.01 -8.80 12.59
N GLN B 153 -23.40 -8.11 13.56
CA GLN B 153 -24.09 -7.64 14.77
C GLN B 153 -25.11 -6.58 14.39
N ALA B 154 -24.74 -5.71 13.44
CA ALA B 154 -25.61 -4.63 13.00
C ALA B 154 -26.84 -5.19 12.27
N LEU B 155 -26.67 -6.33 11.58
CA LEU B 155 -27.74 -6.89 10.76
C LEU B 155 -28.61 -7.84 11.59
N PHE B 156 -27.98 -8.79 12.27
CA PHE B 156 -28.69 -9.92 12.85
C PHE B 156 -28.61 -9.90 14.38
N GLY B 157 -28.39 -8.71 14.95
CA GLY B 157 -28.36 -8.56 16.40
C GLY B 157 -29.75 -8.67 17.02
N ASP B 158 -30.21 -9.92 17.17
CA ASP B 158 -31.44 -10.23 17.88
C ASP B 158 -31.05 -10.69 19.29
N ASP B 159 -31.59 -10.02 20.31
CA ASP B 159 -31.18 -10.22 21.69
C ASP B 159 -32.02 -11.33 22.33
N ASP B 160 -33.20 -11.61 21.75
CA ASP B 160 -34.11 -12.60 22.30
C ASP B 160 -33.52 -14.00 22.07
N THR B 161 -32.84 -14.19 20.93
CA THR B 161 -32.37 -15.49 20.50
C THR B 161 -30.85 -15.47 20.31
N SER B 162 -30.20 -16.58 20.68
CA SER B 162 -28.78 -16.77 20.40
C SER B 162 -28.60 -17.25 18.96
N ARG B 163 -27.48 -16.85 18.33
CA ARG B 163 -27.24 -17.18 16.94
C ARG B 163 -25.78 -16.92 16.56
N ALA B 164 -25.29 -17.71 15.61
CA ALA B 164 -23.96 -17.58 15.07
C ALA B 164 -24.04 -17.36 13.56
N VAL B 165 -23.38 -16.30 13.07
CA VAL B 165 -23.37 -15.99 11.64
C VAL B 165 -22.08 -16.55 11.05
N LEU B 166 -22.23 -17.50 10.11
CA LEU B 166 -21.12 -18.34 9.68
C LEU B 166 -20.85 -18.12 8.20
N ASN B 167 -19.74 -17.44 7.91
CA ASN B 167 -19.27 -17.30 6.54
C ASN B 167 -18.43 -18.52 6.17
N ILE B 168 -18.77 -19.17 5.05
CA ILE B 168 -17.96 -20.25 4.50
C ILE B 168 -17.50 -19.86 3.10
N GLY B 169 -16.33 -19.21 3.04
CA GLY B 169 -15.62 -19.03 1.78
C GLY B 169 -14.58 -20.12 1.61
N GLY B 170 -13.46 -19.76 0.96
CA GLY B 170 -12.26 -20.57 1.03
C GLY B 170 -12.01 -20.97 2.49
N PHE B 171 -12.15 -19.99 3.38
CA PHE B 171 -12.02 -20.20 4.82
C PHE B 171 -13.35 -19.91 5.50
N SER B 172 -13.58 -20.59 6.63
CA SER B 172 -14.78 -20.45 7.43
C SER B 172 -14.48 -19.51 8.59
N ASN B 173 -15.45 -18.65 8.91
CA ASN B 173 -15.36 -17.80 10.10
C ASN B 173 -16.76 -17.57 10.64
N VAL B 174 -16.85 -17.44 11.97
CA VAL B 174 -18.13 -17.35 12.65
C VAL B 174 -18.13 -16.06 13.49
N SER B 175 -19.29 -15.40 13.51
CA SER B 175 -19.55 -14.29 14.41
C SER B 175 -20.54 -14.75 15.48
N LEU B 176 -20.10 -14.74 16.74
CA LEU B 176 -20.91 -15.26 17.84
C LEU B 176 -21.68 -14.10 18.47
N LEU B 177 -23.01 -14.14 18.34
CA LEU B 177 -23.89 -13.08 18.82
C LEU B 177 -24.68 -13.58 20.02
N SER B 178 -23.99 -13.62 21.17
CA SER B 178 -24.56 -14.06 22.44
C SER B 178 -25.20 -12.89 23.16
N PRO B 179 -26.55 -12.87 23.34
CA PRO B 179 -27.23 -11.76 24.01
C PRO B 179 -26.54 -11.23 25.27
N GLY B 180 -26.28 -9.91 25.28
CA GLY B 180 -25.62 -9.26 26.41
C GLY B 180 -24.11 -9.24 26.24
N LYS B 181 -23.53 -10.44 26.07
CA LYS B 181 -22.09 -10.61 25.95
C LYS B 181 -21.60 -9.91 24.68
N PRO B 182 -20.40 -9.27 24.70
CA PRO B 182 -19.86 -8.61 23.50
C PRO B 182 -19.52 -9.60 22.39
N VAL B 183 -19.48 -9.09 21.15
CA VAL B 183 -19.36 -9.92 19.97
C VAL B 183 -18.00 -10.58 19.93
N ARG B 184 -18.01 -11.90 19.65
CA ARG B 184 -16.79 -12.69 19.50
C ARG B 184 -16.81 -13.34 18.13
N GLY B 185 -15.64 -13.86 17.72
CA GLY B 185 -15.50 -14.52 16.44
C GLY B 185 -14.06 -14.93 16.17
N PHE B 186 -13.90 -15.80 15.16
CA PHE B 186 -12.61 -16.33 14.77
C PHE B 186 -12.77 -17.14 13.49
N ASP B 187 -11.65 -17.39 12.80
CA ASP B 187 -11.63 -18.33 11.69
C ASP B 187 -11.69 -19.74 12.26
N CYS B 188 -12.70 -20.51 11.83
CA CYS B 188 -12.89 -21.89 12.28
C CYS B 188 -11.82 -22.79 11.64
N GLY B 189 -11.53 -22.53 10.37
CA GLY B 189 -10.54 -23.29 9.63
C GLY B 189 -10.85 -23.28 8.13
N PRO B 190 -10.63 -24.40 7.41
CA PRO B 190 -10.91 -24.44 5.98
C PRO B 190 -12.42 -24.54 5.71
N GLY B 191 -12.88 -23.78 4.72
CA GLY B 191 -14.24 -23.88 4.23
C GLY B 191 -14.26 -24.71 2.96
N ASN B 192 -14.09 -24.03 1.82
CA ASN B 192 -14.08 -24.66 0.51
C ASN B 192 -12.66 -24.85 -0.02
N VAL B 193 -11.67 -24.27 0.67
CA VAL B 193 -10.34 -24.09 0.09
C VAL B 193 -9.71 -25.44 -0.25
N LEU B 194 -9.80 -26.42 0.66
CA LEU B 194 -9.18 -27.72 0.46
C LEU B 194 -10.03 -28.54 -0.52
N MET B 195 -11.35 -28.50 -0.35
CA MET B 195 -12.26 -29.20 -1.24
C MET B 195 -12.06 -28.71 -2.67
N ASP B 196 -11.81 -27.40 -2.84
CA ASP B 196 -11.51 -26.82 -4.14
C ASP B 196 -10.12 -27.28 -4.60
N ALA B 197 -9.14 -27.17 -3.71
CA ALA B 197 -7.76 -27.46 -4.04
C ALA B 197 -7.58 -28.93 -4.45
N TRP B 198 -8.31 -29.84 -3.77
CA TRP B 198 -8.20 -31.26 -4.04
C TRP B 198 -8.76 -31.61 -5.41
N ILE B 199 -10.00 -31.19 -5.70
CA ILE B 199 -10.63 -31.49 -6.97
C ILE B 199 -9.86 -30.82 -8.11
N HIS B 200 -9.25 -29.66 -7.84
CA HIS B 200 -8.43 -28.97 -8.82
C HIS B 200 -7.21 -29.83 -9.16
N HIS B 201 -6.54 -30.33 -8.11
CA HIS B 201 -5.37 -31.16 -8.28
C HIS B 201 -5.70 -32.45 -9.04
N GLN B 202 -6.92 -32.98 -8.84
CA GLN B 202 -7.31 -34.26 -9.42
C GLN B 202 -7.85 -34.05 -10.84
N ARG B 203 -8.83 -33.16 -10.98
CA ARG B 203 -9.64 -33.08 -12.18
C ARG B 203 -9.55 -31.70 -12.85
N GLY B 204 -8.88 -30.73 -12.22
CA GLY B 204 -8.75 -29.40 -12.80
C GLY B 204 -9.92 -28.48 -12.47
N GLU B 205 -11.05 -29.07 -12.05
CA GLU B 205 -12.27 -28.32 -11.73
C GLU B 205 -11.97 -27.31 -10.63
N HIS B 206 -12.79 -26.24 -10.59
CA HIS B 206 -12.58 -25.15 -9.65
C HIS B 206 -13.24 -25.47 -8.30
N PHE B 207 -14.44 -26.06 -8.34
CA PHE B 207 -15.12 -26.45 -7.11
C PHE B 207 -15.95 -27.70 -7.35
N ASP B 208 -16.44 -28.28 -6.25
CA ASP B 208 -17.32 -29.43 -6.28
C ASP B 208 -18.76 -28.94 -6.12
N ARG B 209 -19.50 -28.94 -7.24
CA ARG B 209 -20.86 -28.41 -7.27
C ARG B 209 -21.76 -29.24 -6.36
N ASP B 210 -22.46 -28.55 -5.45
CA ASP B 210 -23.42 -29.12 -4.51
C ASP B 210 -22.76 -30.15 -3.59
N GLY B 211 -21.42 -30.19 -3.58
CA GLY B 211 -20.69 -31.25 -2.90
C GLY B 211 -21.11 -32.64 -3.37
N ALA B 212 -21.24 -32.81 -4.69
CA ALA B 212 -21.68 -34.07 -5.28
C ALA B 212 -20.55 -35.10 -5.22
N TRP B 213 -19.34 -34.67 -5.56
CA TRP B 213 -18.17 -35.53 -5.52
C TRP B 213 -17.90 -35.99 -4.10
N ALA B 214 -17.80 -35.03 -3.17
CA ALA B 214 -17.69 -35.33 -1.75
C ALA B 214 -18.72 -36.39 -1.35
N ALA B 215 -19.96 -36.21 -1.81
CA ALA B 215 -21.09 -37.03 -1.40
C ALA B 215 -21.05 -38.43 -2.04
N SER B 216 -20.26 -38.60 -3.11
CA SER B 216 -20.11 -39.90 -3.76
C SER B 216 -19.05 -40.75 -3.06
N GLY B 217 -18.20 -40.10 -2.25
CA GLY B 217 -17.15 -40.78 -1.50
C GLY B 217 -17.56 -41.03 -0.07
N GLN B 218 -16.65 -41.63 0.71
CA GLN B 218 -16.93 -42.02 2.08
C GLN B 218 -15.81 -41.53 2.99
N VAL B 219 -16.20 -40.98 4.15
CA VAL B 219 -15.25 -40.35 5.06
C VAL B 219 -14.29 -41.41 5.57
N ASN B 220 -12.99 -41.08 5.57
CA ASN B 220 -11.98 -41.94 6.17
C ASN B 220 -11.69 -41.45 7.58
N HIS B 221 -11.78 -42.36 8.56
CA HIS B 221 -11.63 -42.03 9.97
C HIS B 221 -10.19 -41.66 10.29
N ALA B 222 -9.25 -42.49 9.78
CA ALA B 222 -7.84 -42.35 10.14
C ALA B 222 -7.28 -41.03 9.62
N LEU B 223 -7.62 -40.70 8.36
CA LEU B 223 -7.19 -39.45 7.74
C LEU B 223 -7.83 -38.26 8.47
N LEU B 224 -9.13 -38.36 8.76
CA LEU B 224 -9.88 -37.29 9.40
C LEU B 224 -9.23 -36.96 10.74
N ALA B 225 -9.07 -37.97 11.60
CA ALA B 225 -8.41 -37.81 12.89
C ALA B 225 -7.12 -37.01 12.71
N SER B 226 -6.30 -37.44 11.76
CA SER B 226 -4.99 -36.85 11.51
C SER B 226 -5.11 -35.42 10.99
N LEU B 227 -6.18 -35.14 10.23
CA LEU B 227 -6.44 -33.79 9.74
C LEU B 227 -6.93 -32.91 10.90
N LEU B 228 -7.76 -33.49 11.77
CA LEU B 228 -8.28 -32.76 12.93
C LEU B 228 -7.19 -32.55 13.98
N ALA B 229 -6.03 -33.19 13.79
CA ALA B 229 -4.94 -33.13 14.76
C ALA B 229 -4.19 -31.80 14.67
N ASP B 230 -4.33 -31.07 13.56
CA ASP B 230 -3.59 -29.83 13.37
C ASP B 230 -3.89 -28.88 14.53
N GLU B 231 -2.82 -28.21 15.00
CA GLU B 231 -2.85 -27.45 16.24
C GLU B 231 -3.85 -26.31 16.15
N PHE B 232 -4.05 -25.75 14.94
CA PHE B 232 -4.89 -24.58 14.77
C PHE B 232 -6.29 -24.84 15.30
N PHE B 233 -6.77 -26.09 15.15
CA PHE B 233 -8.10 -26.47 15.58
C PHE B 233 -8.18 -26.51 17.11
N ALA B 234 -7.06 -26.83 17.77
CA ALA B 234 -7.02 -26.93 19.22
C ALA B 234 -7.12 -25.55 19.86
N ALA B 235 -6.54 -24.54 19.20
CA ALA B 235 -6.44 -23.20 19.76
C ALA B 235 -7.81 -22.55 19.82
N ARG B 236 -8.02 -21.71 20.84
CA ARG B 236 -9.29 -21.06 21.10
C ARG B 236 -9.11 -19.55 21.11
N GLY B 237 -10.22 -18.82 21.04
CA GLY B 237 -10.21 -17.36 21.11
C GLY B 237 -9.85 -16.74 19.76
N PRO B 238 -9.26 -15.52 19.75
CA PRO B 238 -8.87 -14.87 18.50
C PRO B 238 -7.89 -15.71 17.67
N LYS B 239 -8.32 -16.05 16.45
CA LYS B 239 -7.49 -16.75 15.49
C LYS B 239 -7.74 -16.20 14.10
N SER B 240 -6.75 -16.39 13.21
CA SER B 240 -6.96 -16.30 11.77
C SER B 240 -5.92 -17.17 11.07
N THR B 241 -6.25 -17.60 9.85
CA THR B 241 -5.39 -18.48 9.09
C THR B 241 -5.53 -18.15 7.60
N GLY B 242 -4.94 -19.00 6.75
CA GLY B 242 -4.99 -18.79 5.32
C GLY B 242 -4.30 -19.93 4.56
N ARG B 243 -4.02 -19.68 3.28
CA ARG B 243 -3.35 -20.63 2.40
C ARG B 243 -1.92 -20.89 2.90
N GLU B 244 -1.43 -20.06 3.82
CA GLU B 244 -0.11 -20.23 4.41
C GLU B 244 -0.07 -21.52 5.23
N ARG B 245 -1.20 -21.90 5.84
CA ARG B 245 -1.29 -23.11 6.65
C ARG B 245 -2.05 -24.20 5.88
N PHE B 246 -3.35 -23.97 5.65
CA PHE B 246 -4.22 -24.97 5.04
C PHE B 246 -4.13 -24.88 3.53
N ASN B 247 -3.32 -25.76 2.94
CA ASN B 247 -3.10 -25.81 1.50
C ASN B 247 -2.94 -27.27 1.09
N LEU B 248 -2.71 -27.51 -0.21
CA LEU B 248 -2.60 -28.86 -0.74
C LEU B 248 -1.31 -29.51 -0.23
N PRO B 249 -0.13 -28.85 -0.30
CA PRO B 249 1.08 -29.38 0.33
C PRO B 249 0.86 -29.91 1.75
N TRP B 250 0.10 -29.16 2.54
CA TRP B 250 -0.26 -29.56 3.89
C TRP B 250 -1.07 -30.85 3.87
N LEU B 251 -2.05 -30.94 2.95
CA LEU B 251 -2.91 -32.10 2.87
C LEU B 251 -2.10 -33.34 2.50
N GLN B 252 -1.11 -33.17 1.62
CA GLN B 252 -0.35 -34.29 1.07
C GLN B 252 0.61 -34.86 2.11
N GLU B 253 0.97 -34.05 3.11
CA GLU B 253 1.76 -34.50 4.25
C GLU B 253 0.95 -35.53 5.07
N HIS B 254 -0.37 -35.34 5.12
CA HIS B 254 -1.25 -36.23 5.85
C HIS B 254 -1.58 -37.46 5.01
N LEU B 255 -1.72 -37.27 3.69
CA LEU B 255 -2.03 -38.38 2.79
C LEU B 255 -0.89 -39.40 2.80
N ALA B 256 0.34 -38.91 2.68
CA ALA B 256 1.53 -39.74 2.60
C ALA B 256 1.66 -40.63 3.84
N ARG B 257 1.35 -40.06 5.01
CA ARG B 257 1.48 -40.74 6.28
C ARG B 257 0.66 -42.03 6.28
N HIS B 258 -0.57 -41.97 5.75
CA HIS B 258 -1.47 -43.11 5.71
C HIS B 258 -1.35 -43.82 4.36
N PRO B 259 -1.95 -45.02 4.18
CA PRO B 259 -1.97 -45.67 2.87
C PRO B 259 -2.79 -44.90 1.83
N ALA B 260 -2.86 -45.45 0.62
CA ALA B 260 -3.55 -44.82 -0.50
C ALA B 260 -5.06 -44.92 -0.29
N LEU B 261 -5.78 -43.85 -0.68
CA LEU B 261 -7.23 -43.80 -0.60
C LEU B 261 -7.79 -43.43 -1.96
N PRO B 262 -9.05 -43.84 -2.27
CA PRO B 262 -9.79 -43.29 -3.41
C PRO B 262 -10.01 -41.79 -3.26
N ALA B 263 -9.94 -41.08 -4.40
CA ALA B 263 -9.93 -39.62 -4.44
C ALA B 263 -11.21 -39.05 -3.83
N ALA B 264 -12.36 -39.67 -4.14
CA ALA B 264 -13.65 -39.21 -3.67
C ALA B 264 -13.79 -39.36 -2.15
N ASP B 265 -13.13 -40.37 -1.58
CA ASP B 265 -13.13 -40.59 -0.14
C ASP B 265 -12.38 -39.45 0.55
N ILE B 266 -11.29 -39.00 -0.07
CA ILE B 266 -10.51 -37.89 0.45
C ILE B 266 -11.37 -36.62 0.40
N GLN B 267 -12.16 -36.47 -0.67
CA GLN B 267 -13.05 -35.32 -0.81
C GLN B 267 -14.13 -35.39 0.25
N ALA B 268 -14.76 -36.56 0.41
CA ALA B 268 -15.72 -36.78 1.49
C ALA B 268 -15.12 -36.39 2.84
N THR B 269 -13.83 -36.71 3.04
CA THR B 269 -13.14 -36.47 4.30
C THR B 269 -12.91 -34.97 4.50
N LEU B 270 -12.61 -34.25 3.41
CA LEU B 270 -12.37 -32.81 3.47
C LEU B 270 -13.67 -32.06 3.77
N LEU B 271 -14.79 -32.54 3.23
CA LEU B 271 -16.08 -31.97 3.56
C LEU B 271 -16.35 -32.14 5.06
N GLU B 272 -16.03 -33.32 5.59
CA GLU B 272 -16.21 -33.63 7.00
C GLU B 272 -15.28 -32.77 7.85
N LEU B 273 -14.04 -32.56 7.38
CA LEU B 273 -13.05 -31.78 8.10
C LEU B 273 -13.56 -30.36 8.35
N SER B 274 -14.22 -29.77 7.35
CA SER B 274 -14.76 -28.42 7.46
C SER B 274 -15.93 -28.39 8.44
N ALA B 275 -16.86 -29.33 8.29
CA ALA B 275 -18.08 -29.34 9.10
C ALA B 275 -17.75 -29.52 10.58
N ARG B 276 -16.78 -30.41 10.87
CA ARG B 276 -16.43 -30.78 12.22
C ARG B 276 -15.63 -29.68 12.89
N SER B 277 -14.71 -29.05 12.13
CA SER B 277 -13.90 -27.95 12.65
C SER B 277 -14.78 -26.74 12.93
N ILE B 278 -15.79 -26.53 12.08
CA ILE B 278 -16.79 -25.50 12.29
C ILE B 278 -17.62 -25.85 13.52
N SER B 279 -18.37 -26.95 13.42
CA SER B 279 -19.37 -27.31 14.42
C SER B 279 -18.77 -27.36 15.83
N GLU B 280 -17.55 -27.88 15.95
CA GLU B 280 -16.94 -28.07 17.25
C GLU B 280 -16.40 -26.74 17.78
N SER B 281 -15.84 -25.89 16.89
CA SER B 281 -15.30 -24.60 17.30
C SER B 281 -16.43 -23.64 17.66
N LEU B 282 -17.54 -23.71 16.91
CA LEU B 282 -18.69 -22.85 17.10
C LEU B 282 -19.34 -23.16 18.45
N LEU B 283 -19.72 -24.43 18.67
CA LEU B 283 -20.48 -24.81 19.86
C LEU B 283 -19.59 -24.78 21.11
N ASP B 284 -18.29 -25.05 20.95
CA ASP B 284 -17.32 -24.88 22.03
C ASP B 284 -17.45 -23.46 22.59
N ALA B 285 -17.55 -22.47 21.70
CA ALA B 285 -17.55 -21.07 22.08
C ALA B 285 -18.97 -20.58 22.39
N GLN B 286 -19.97 -21.17 21.74
CA GLN B 286 -21.37 -20.84 21.98
C GLN B 286 -22.20 -22.13 22.01
N PRO B 287 -22.19 -22.88 23.14
CA PRO B 287 -22.93 -24.14 23.24
C PRO B 287 -24.46 -24.00 23.21
N ASP B 288 -24.96 -22.81 23.54
CA ASP B 288 -26.40 -22.57 23.64
C ASP B 288 -26.97 -22.20 22.27
N CYS B 289 -26.11 -22.12 21.24
CA CYS B 289 -26.48 -21.65 19.91
C CYS B 289 -27.83 -22.22 19.46
N GLU B 290 -28.71 -21.32 18.99
CA GLU B 290 -30.06 -21.69 18.57
C GLU B 290 -30.21 -21.54 17.05
N GLU B 291 -29.33 -20.77 16.41
CA GLU B 291 -29.43 -20.49 14.98
C GLU B 291 -28.05 -20.34 14.36
N VAL B 292 -27.91 -20.87 13.14
CA VAL B 292 -26.69 -20.73 12.37
C VAL B 292 -27.06 -20.13 11.01
N LEU B 293 -26.84 -18.83 10.87
CA LEU B 293 -27.08 -18.12 9.62
C LEU B 293 -25.82 -18.22 8.76
N VAL B 294 -25.92 -18.99 7.66
CA VAL B 294 -24.75 -19.32 6.85
C VAL B 294 -24.70 -18.37 5.66
N CYS B 295 -23.55 -17.71 5.49
CA CYS B 295 -23.29 -16.88 4.32
C CYS B 295 -22.03 -17.40 3.61
N GLY B 296 -21.72 -16.81 2.45
CA GLY B 296 -20.62 -17.25 1.62
C GLY B 296 -21.01 -18.40 0.70
N GLY B 297 -20.10 -18.77 -0.20
CA GLY B 297 -20.38 -19.74 -1.25
C GLY B 297 -20.57 -21.16 -0.72
N GLY B 298 -20.10 -21.41 0.51
CA GLY B 298 -20.30 -22.68 1.17
C GLY B 298 -21.79 -23.00 1.38
N ALA B 299 -22.62 -21.96 1.45
CA ALA B 299 -24.04 -22.11 1.69
C ALA B 299 -24.72 -22.81 0.52
N PHE B 300 -24.08 -22.76 -0.65
CA PHE B 300 -24.60 -23.40 -1.86
C PHE B 300 -24.20 -24.87 -1.92
N ASN B 301 -23.26 -25.28 -1.06
CA ASN B 301 -22.83 -26.68 -0.98
C ASN B 301 -23.87 -27.46 -0.17
N THR B 302 -24.77 -28.16 -0.89
CA THR B 302 -25.91 -28.84 -0.28
C THR B 302 -25.44 -29.92 0.70
N ALA B 303 -24.38 -30.65 0.32
CA ALA B 303 -23.88 -31.74 1.14
C ALA B 303 -23.28 -31.19 2.44
N LEU B 304 -22.58 -30.06 2.35
CA LEU B 304 -21.98 -29.42 3.51
C LEU B 304 -23.08 -28.93 4.45
N MET B 305 -24.13 -28.33 3.89
CA MET B 305 -25.18 -27.72 4.68
C MET B 305 -25.93 -28.78 5.48
N LYS B 306 -26.22 -29.93 4.87
CA LYS B 306 -26.90 -31.01 5.55
C LYS B 306 -26.05 -31.55 6.69
N ARG B 307 -24.74 -31.68 6.46
CA ARG B 307 -23.82 -32.25 7.44
C ARG B 307 -23.67 -31.29 8.63
N LEU B 308 -23.71 -29.97 8.35
CA LEU B 308 -23.70 -28.97 9.41
C LEU B 308 -24.96 -29.12 10.27
N ALA B 309 -26.11 -29.31 9.60
CA ALA B 309 -27.37 -29.48 10.28
C ALA B 309 -27.32 -30.69 11.21
N MET B 310 -26.77 -31.80 10.71
CA MET B 310 -26.70 -33.05 11.45
C MET B 310 -25.85 -32.88 12.71
N LEU B 311 -24.70 -32.20 12.56
CA LEU B 311 -23.75 -32.03 13.64
C LEU B 311 -24.25 -30.99 14.65
N MET B 312 -25.15 -30.10 14.21
CA MET B 312 -25.74 -29.08 15.06
C MET B 312 -27.26 -29.20 15.00
N PRO B 313 -27.86 -30.20 15.69
CA PRO B 313 -29.30 -30.41 15.66
C PRO B 313 -30.10 -29.56 16.66
N GLU B 314 -29.39 -28.97 17.64
CA GLU B 314 -30.02 -28.13 18.65
C GLU B 314 -30.37 -26.77 18.06
N ALA B 315 -29.64 -26.38 17.00
CA ALA B 315 -29.85 -25.11 16.32
C ALA B 315 -30.38 -25.37 14.90
N ARG B 316 -31.08 -24.36 14.35
CA ARG B 316 -31.47 -24.37 12.95
C ARG B 316 -30.28 -23.91 12.11
N VAL B 317 -30.00 -24.63 11.02
CA VAL B 317 -28.96 -24.25 10.08
C VAL B 317 -29.62 -23.90 8.75
N ALA B 318 -29.75 -22.58 8.49
CA ALA B 318 -30.22 -22.09 7.21
C ALA B 318 -29.28 -21.02 6.69
N SER B 319 -29.40 -20.68 5.41
CA SER B 319 -28.62 -19.60 4.83
C SER B 319 -29.20 -18.27 5.29
N THR B 320 -28.47 -17.18 5.03
CA THR B 320 -28.91 -15.85 5.43
C THR B 320 -30.09 -15.39 4.57
N ASP B 321 -30.33 -16.08 3.45
CA ASP B 321 -31.43 -15.77 2.55
C ASP B 321 -32.76 -15.82 3.30
N GLU B 322 -32.85 -16.72 4.29
CA GLU B 322 -34.08 -16.92 5.03
C GLU B 322 -34.36 -15.71 5.93
N TYR B 323 -33.35 -14.87 6.18
CA TYR B 323 -33.49 -13.69 7.01
C TYR B 323 -33.18 -12.42 6.21
N GLY B 324 -33.40 -12.45 4.89
CA GLY B 324 -33.45 -11.23 4.09
C GLY B 324 -32.27 -11.05 3.13
N ILE B 325 -31.09 -11.55 3.49
CA ILE B 325 -29.86 -11.21 2.80
C ILE B 325 -29.37 -12.41 1.99
N PRO B 326 -29.07 -12.25 0.67
CA PRO B 326 -28.45 -13.33 -0.10
C PRO B 326 -27.06 -13.69 0.43
N PRO B 327 -26.76 -14.99 0.67
CA PRO B 327 -25.49 -15.40 1.26
C PRO B 327 -24.23 -15.08 0.46
N ALA B 328 -24.39 -14.79 -0.83
CA ALA B 328 -23.25 -14.51 -1.70
C ALA B 328 -22.67 -13.12 -1.43
N TRP B 329 -23.53 -12.15 -1.05
CA TRP B 329 -23.15 -10.75 -1.07
C TRP B 329 -22.84 -10.19 0.32
N MET B 330 -22.86 -11.04 1.35
CA MET B 330 -22.73 -10.60 2.72
C MET B 330 -21.42 -9.83 2.92
N GLU B 331 -20.31 -10.39 2.45
CA GLU B 331 -19.00 -9.78 2.61
C GLU B 331 -18.92 -8.45 1.85
N GLY B 332 -19.42 -8.43 0.62
CA GLY B 332 -19.43 -7.21 -0.18
C GLY B 332 -20.17 -6.08 0.53
N MET B 333 -21.32 -6.45 1.12
CA MET B 333 -22.17 -5.52 1.84
C MET B 333 -21.43 -4.99 3.07
N ALA B 334 -20.67 -5.88 3.73
CA ALA B 334 -19.93 -5.54 4.94
C ALA B 334 -18.91 -4.45 4.65
N PHE B 335 -18.24 -4.53 3.50
CA PHE B 335 -17.15 -3.63 3.18
C PHE B 335 -17.69 -2.28 2.72
N ALA B 336 -18.88 -2.27 2.11
CA ALA B 336 -19.57 -1.02 1.84
C ALA B 336 -19.94 -0.34 3.16
N TRP B 337 -20.44 -1.16 4.10
CA TRP B 337 -20.80 -0.70 5.43
C TRP B 337 -19.58 -0.12 6.15
N LEU B 338 -18.43 -0.80 6.05
CA LEU B 338 -17.21 -0.33 6.69
C LEU B 338 -16.74 0.99 6.09
N ALA B 339 -17.10 1.27 4.82
CA ALA B 339 -16.84 2.55 4.21
C ALA B 339 -17.66 3.63 4.93
N HIS B 340 -18.94 3.33 5.15
CA HIS B 340 -19.84 4.19 5.89
C HIS B 340 -19.28 4.45 7.28
N ARG B 341 -18.72 3.40 7.91
CA ARG B 341 -18.21 3.47 9.26
C ARG B 341 -16.92 4.29 9.32
N PHE B 342 -16.10 4.20 8.27
CA PHE B 342 -14.91 5.03 8.20
C PHE B 342 -15.30 6.51 8.14
N LEU B 343 -16.30 6.82 7.30
CA LEU B 343 -16.63 8.21 6.97
C LEU B 343 -17.33 8.90 8.14
N GLU B 344 -17.96 8.12 9.04
CA GLU B 344 -18.57 8.66 10.24
C GLU B 344 -17.61 8.57 11.44
N ARG B 345 -16.40 8.03 11.20
CA ARG B 345 -15.41 7.81 12.23
C ARG B 345 -15.97 6.91 13.34
N LEU B 346 -16.49 5.75 12.93
CA LEU B 346 -16.99 4.73 13.83
C LEU B 346 -16.09 3.49 13.74
N PRO B 347 -15.82 2.78 14.87
CA PRO B 347 -14.99 1.58 14.83
C PRO B 347 -15.52 0.48 13.91
N GLY B 348 -14.58 -0.22 13.25
CA GLY B 348 -14.90 -1.30 12.32
C GLY B 348 -14.36 -2.65 12.77
N ASN B 349 -13.46 -2.66 13.76
CA ASN B 349 -12.90 -3.89 14.30
C ASN B 349 -13.66 -4.28 15.56
N CYS B 350 -13.37 -5.49 16.05
CA CYS B 350 -13.88 -5.99 17.32
C CYS B 350 -12.72 -6.60 18.10
N PRO B 351 -12.19 -5.90 19.15
CA PRO B 351 -11.11 -6.45 19.98
C PRO B 351 -11.30 -7.88 20.48
N ASP B 352 -12.53 -8.23 20.88
CA ASP B 352 -12.81 -9.56 21.42
C ASP B 352 -12.90 -10.58 20.28
N VAL B 353 -12.75 -10.13 19.03
CA VAL B 353 -12.66 -10.99 17.88
C VAL B 353 -11.20 -11.08 17.41
N THR B 354 -10.56 -9.92 17.27
CA THR B 354 -9.27 -9.81 16.60
C THR B 354 -8.11 -9.93 17.59
N GLY B 355 -8.32 -9.44 18.81
CA GLY B 355 -7.29 -9.43 19.84
C GLY B 355 -6.56 -8.08 19.90
N ALA B 356 -7.07 -7.09 19.18
CA ALA B 356 -6.45 -5.77 19.10
C ALA B 356 -6.56 -5.06 20.44
N LEU B 357 -5.71 -4.04 20.64
CA LEU B 357 -5.66 -3.27 21.87
C LEU B 357 -7.01 -2.63 22.17
N GLY B 358 -7.78 -2.29 21.13
CA GLY B 358 -9.07 -1.66 21.32
C GLY B 358 -9.77 -1.32 20.00
N PRO B 359 -10.92 -0.61 20.05
CA PRO B 359 -11.64 -0.23 18.85
C PRO B 359 -10.87 0.80 18.02
N ARG B 360 -10.84 0.59 16.70
CA ARG B 360 -10.08 1.41 15.77
C ARG B 360 -10.93 1.68 14.54
N THR B 361 -10.78 2.89 13.98
CA THR B 361 -11.28 3.18 12.64
C THR B 361 -10.46 2.38 11.63
N LEU B 362 -11.14 1.56 10.82
CA LEU B 362 -10.46 0.75 9.83
C LEU B 362 -10.53 1.46 8.48
N GLY B 363 -9.37 1.56 7.82
CA GLY B 363 -9.31 1.91 6.41
C GLY B 363 -8.54 3.20 6.16
N ALA B 364 -8.42 3.53 4.88
CA ALA B 364 -7.81 4.78 4.42
C ALA B 364 -8.66 5.35 3.30
N LEU B 365 -8.77 6.69 3.26
CA LEU B 365 -9.59 7.36 2.26
C LEU B 365 -8.71 7.85 1.11
N TYR B 366 -9.01 7.32 -0.09
CA TYR B 366 -8.43 7.78 -1.34
C TYR B 366 -9.49 8.56 -2.13
N PRO B 367 -9.59 9.89 -1.99
CA PRO B 367 -10.66 10.64 -2.64
C PRO B 367 -10.52 10.69 -4.16
N ALA B 368 -11.66 10.69 -4.85
CA ALA B 368 -11.68 10.88 -6.30
C ALA B 368 -11.34 12.33 -6.65
#